data_5I1D
#
_entry.id   5I1D
#
_cell.length_a   62.710
_cell.length_b   111.000
_cell.length_c   159.990
_cell.angle_alpha   90.00
_cell.angle_beta   90.00
_cell.angle_gamma   90.00
#
_symmetry.space_group_name_H-M   'P 21 21 21'
#
loop_
_entity.id
_entity.type
_entity.pdbx_description
1 polymer 'FAB LIGHT CHAIN'
2 polymer 'FAB HEAVY CHAIN'
3 non-polymer 'SULFATE ION'
4 water water
#
loop_
_entity_poly.entity_id
_entity_poly.type
_entity_poly.pdbx_seq_one_letter_code
_entity_poly.pdbx_strand_id
1 'polypeptide(L)'
;DIVMTQSPDSLAVSLGERATINCKSSQSVLYSSNNKNYLAWYQQKPGQPPKLLIYWASTRESGVPDRFSGSGSGTDFTLT
ISSLQAEDVAVYYCQQYYSTPLTFGQGTKVEIKRTVAAPSVFIFPPSDEQLKSGTASVVCLLNNFYPREAKVQWKVDNAL
QSGNSQESVTEQDSKDSTYSLSSTLTLSKADYEKHKVYACEVTHQGLSSPVTKSFNRGEC
;
L,A
2 'polypeptide(L)'
;EVQLLESGGGLVQPGGSLRLSCAASGFTFSSYAMSWVRQAPGKGLEWVSAISGSGGSTYYADSVKGRFTISRDNSKNTLY
LQMNSLRAEDTAVYYCAKYDGIYGELDFWGQGTLVTVSSASTKGPSVFPLAPSSKSTSGGTAALGCLVKDYFPEPVTVSW
NSGALTSGVHTFPAVLQSSGLYSLSSVVTVPSSSLGTQTYICNVNHKPSNTKVDKKVEPKSCHHHHHH
;
H,B
#
loop_
_chem_comp.id
_chem_comp.type
_chem_comp.name
_chem_comp.formula
SO4 non-polymer 'SULFATE ION' 'O4 S -2'
#
# COMPACT_ATOMS: atom_id res chain seq x y z
N ASP A 1 30.95 3.38 -23.55
CA ASP A 1 29.61 3.56 -22.91
C ASP A 1 28.84 2.25 -22.83
N ILE A 2 28.52 1.84 -21.61
CA ILE A 2 27.76 0.61 -21.35
C ILE A 2 26.32 0.72 -21.86
N VAL A 3 25.94 -0.17 -22.75
CA VAL A 3 24.59 -0.24 -23.28
C VAL A 3 23.74 -1.20 -22.44
N MET A 4 22.67 -0.65 -21.85
CA MET A 4 21.72 -1.44 -21.08
C MET A 4 20.56 -1.82 -21.98
N THR A 5 20.32 -3.13 -22.11
CA THR A 5 19.26 -3.64 -22.97
C THR A 5 18.26 -4.47 -22.17
N GLN A 6 17.03 -3.98 -22.11
CA GLN A 6 15.96 -4.65 -21.37
C GLN A 6 15.14 -5.57 -22.25
N SER A 7 14.55 -6.59 -21.62
CA SER A 7 13.73 -7.56 -22.32
C SER A 7 12.70 -8.10 -21.34
N PRO A 8 11.39 -8.06 -21.71
CA PRO A 8 10.87 -7.50 -22.97
C PRO A 8 10.61 -5.99 -22.87
N ASP A 9 10.13 -5.39 -23.95
CA ASP A 9 9.74 -3.98 -23.95
C ASP A 9 8.43 -3.77 -23.23
N SER A 10 7.53 -4.75 -23.35
CA SER A 10 6.18 -4.67 -22.82
C SER A 10 5.75 -6.02 -22.26
N LEU A 11 5.06 -5.99 -21.12
CA LEU A 11 4.69 -7.20 -20.39
C LEU A 11 3.29 -7.09 -19.82
N ALA A 12 2.44 -8.08 -20.07
CA ALA A 12 1.08 -8.13 -19.53
C ALA A 12 0.90 -9.34 -18.61
N VAL A 13 0.69 -9.09 -17.33
CA VAL A 13 0.67 -10.13 -16.31
C VAL A 13 -0.59 -9.99 -15.46
N SER A 14 -1.22 -11.12 -15.14
CA SER A 14 -2.42 -11.14 -14.30
C SER A 14 -2.07 -10.72 -12.88
N LEU A 15 -3.05 -10.13 -12.19
CA LEU A 15 -2.90 -9.75 -10.80
C LEU A 15 -2.57 -10.99 -9.96
N GLY A 16 -1.60 -10.85 -9.06
CA GLY A 16 -1.18 -11.95 -8.21
C GLY A 16 -0.15 -12.87 -8.82
N GLU A 17 0.07 -12.72 -10.14
CA GLU A 17 1.09 -13.50 -10.81
C GLU A 17 2.47 -12.82 -10.82
N ARG A 18 3.44 -13.51 -11.43
CA ARG A 18 4.82 -13.08 -11.41
C ARG A 18 5.19 -12.31 -12.68
N ALA A 19 5.85 -11.17 -12.48
CA ALA A 19 6.41 -10.40 -13.60
C ALA A 19 7.93 -10.44 -13.53
N THR A 20 8.58 -10.85 -14.62
CA THR A 20 10.04 -10.86 -14.70
C THR A 20 10.55 -9.99 -15.86
N ILE A 21 11.52 -9.13 -15.55
CA ILE A 21 12.10 -8.22 -16.53
C ILE A 21 13.61 -8.46 -16.58
N ASN A 22 14.13 -8.73 -17.77
CA ASN A 22 15.56 -8.99 -17.95
C ASN A 22 16.33 -7.74 -18.38
N CYS A 23 17.55 -7.58 -17.85
CA CYS A 23 18.45 -6.48 -18.25
C CYS A 23 19.86 -7.00 -18.52
N LYS A 24 20.38 -6.73 -19.71
CA LYS A 24 21.76 -7.11 -20.08
C LYS A 24 22.67 -5.89 -20.34
N SER A 25 23.75 -5.78 -19.56
CA SER A 25 24.74 -4.73 -19.74
C SER A 25 25.88 -5.17 -20.65
N SER A 26 26.33 -4.28 -21.53
CA SER A 26 27.36 -4.63 -22.53
C SER A 26 28.75 -4.82 -21.92
N GLN A 27 28.90 -4.44 -20.64
CA GLN A 27 30.10 -4.68 -19.86
C GLN A 27 29.69 -5.09 -18.45
N SER A 28 30.54 -5.86 -17.78
CA SER A 28 30.29 -6.26 -16.40
C SER A 28 30.30 -5.06 -15.46
N VAL A 29 29.30 -5.00 -14.59
CA VAL A 29 29.21 -3.91 -13.60
C VAL A 29 29.58 -4.42 -12.20
N LEU A 30 30.14 -5.62 -12.14
CA LEU A 30 30.64 -6.20 -10.90
C LEU A 30 32.02 -5.64 -10.58
N TYR A 31 32.11 -4.91 -9.47
CA TYR A 31 33.33 -4.24 -9.06
C TYR A 31 34.17 -5.18 -8.19
N SER A 32 35.34 -5.58 -8.73
CA SER A 32 36.25 -6.55 -8.11
C SER A 32 36.54 -6.27 -6.63
N SER A 33 36.86 -5.02 -6.33
CA SER A 33 37.23 -4.59 -4.98
C SER A 33 36.25 -5.03 -3.88
N ASN A 34 34.96 -4.74 -4.08
CA ASN A 34 33.93 -5.05 -3.08
C ASN A 34 32.94 -6.18 -3.45
N ASN A 35 33.18 -6.79 -4.62
CA ASN A 35 32.29 -7.81 -5.18
C ASN A 35 30.80 -7.43 -5.12
N LYS A 36 30.48 -6.29 -5.72
CA LYS A 36 29.10 -5.82 -5.79
C LYS A 36 28.83 -5.32 -7.20
N ASN A 37 27.61 -5.57 -7.68
CA ASN A 37 27.19 -5.12 -9.01
C ASN A 37 26.61 -3.72 -8.97
N TYR A 38 27.09 -2.86 -9.87
CA TYR A 38 26.63 -1.48 -9.92
C TYR A 38 25.47 -1.38 -10.89
N LEU A 39 24.33 -1.91 -10.43
CA LEU A 39 23.11 -2.01 -11.20
C LEU A 39 21.95 -1.64 -10.29
N ALA A 40 21.03 -0.84 -10.84
CA ALA A 40 19.87 -0.39 -10.09
C ALA A 40 18.59 -0.58 -10.91
N TRP A 41 17.48 -0.74 -10.20
CA TRP A 41 16.17 -0.82 -10.84
C TRP A 41 15.30 0.33 -10.37
N TYR A 42 14.63 0.98 -11.33
CA TYR A 42 13.73 2.10 -11.06
C TYR A 42 12.31 1.79 -11.53
N GLN A 43 11.33 2.34 -10.81
CA GLN A 43 9.93 2.27 -11.17
C GLN A 43 9.46 3.68 -11.50
N GLN A 44 8.83 3.86 -12.66
CA GLN A 44 8.26 5.16 -12.98
C GLN A 44 6.79 5.08 -13.35
N LYS A 45 5.96 5.66 -12.49
CA LYS A 45 4.53 5.77 -12.72
C LYS A 45 4.24 7.06 -13.49
N PRO A 46 3.13 7.10 -14.25
CA PRO A 46 2.85 8.28 -15.07
C PRO A 46 2.78 9.56 -14.24
N GLY A 47 3.41 10.62 -14.73
CA GLY A 47 3.42 11.91 -14.07
C GLY A 47 4.44 12.07 -12.95
N GLN A 48 5.15 10.98 -12.63
CA GLN A 48 6.08 10.99 -11.50
C GLN A 48 7.55 10.79 -11.93
N PRO A 49 8.51 11.20 -11.08
CA PRO A 49 9.90 10.88 -11.36
C PRO A 49 10.15 9.39 -11.10
N PRO A 50 11.25 8.83 -11.66
CA PRO A 50 11.65 7.47 -11.27
C PRO A 50 11.82 7.35 -9.77
N LYS A 51 11.48 6.18 -9.25
CA LYS A 51 11.66 5.85 -7.84
C LYS A 51 12.61 4.67 -7.79
N LEU A 52 13.63 4.75 -6.94
CA LEU A 52 14.61 3.66 -6.81
C LEU A 52 13.97 2.47 -6.11
N LEU A 53 14.09 1.30 -6.73
CA LEU A 53 13.57 0.07 -6.14
C LEU A 53 14.71 -0.75 -5.54
N ILE A 54 15.73 -0.99 -6.36
CA ILE A 54 16.81 -1.89 -6.02
C ILE A 54 18.17 -1.30 -6.39
N TYR A 55 19.13 -1.37 -5.47
CA TYR A 55 20.53 -1.07 -5.76
C TYR A 55 21.43 -2.27 -5.45
N TRP A 56 22.64 -2.27 -5.98
CA TRP A 56 23.57 -3.41 -5.84
C TRP A 56 23.07 -4.66 -6.55
N ALA A 57 22.25 -4.47 -7.58
CA ALA A 57 21.57 -5.56 -8.31
C ALA A 57 20.51 -6.30 -7.49
N SER A 58 20.70 -6.40 -6.18
CA SER A 58 19.83 -7.25 -5.36
C SER A 58 19.35 -6.63 -4.06
N THR A 59 19.84 -5.44 -3.71
CA THR A 59 19.46 -4.84 -2.43
C THR A 59 18.27 -3.88 -2.54
N ARG A 60 17.26 -4.16 -1.72
CA ARG A 60 16.00 -3.45 -1.75
C ARG A 60 16.09 -2.12 -0.99
N GLU A 61 15.67 -1.03 -1.64
CA GLU A 61 15.57 0.27 -0.95
C GLU A 61 14.52 0.25 0.15
N SER A 62 14.72 1.10 1.16
CA SER A 62 13.79 1.22 2.28
C SER A 62 12.39 1.60 1.79
N GLY A 63 11.38 0.96 2.36
CA GLY A 63 9.99 1.21 1.97
C GLY A 63 9.50 0.46 0.73
N VAL A 64 10.39 -0.28 0.09
CA VAL A 64 10.05 -1.07 -1.11
C VAL A 64 9.64 -2.48 -0.67
N PRO A 65 8.39 -2.89 -0.97
CA PRO A 65 7.86 -4.20 -0.57
C PRO A 65 8.69 -5.40 -1.02
N ASP A 66 8.53 -6.51 -0.30
CA ASP A 66 9.24 -7.78 -0.55
C ASP A 66 9.00 -8.38 -1.93
N ARG A 67 7.83 -8.09 -2.50
CA ARG A 67 7.46 -8.63 -3.82
C ARG A 67 8.39 -8.20 -4.95
N PHE A 68 9.14 -7.12 -4.76
CA PHE A 68 10.17 -6.68 -5.71
C PHE A 68 11.52 -7.29 -5.32
N SER A 69 12.11 -8.08 -6.22
CA SER A 69 13.42 -8.67 -5.97
C SER A 69 14.32 -8.63 -7.20
N GLY A 70 15.58 -8.25 -6.98
CA GLY A 70 16.55 -8.16 -8.06
C GLY A 70 17.60 -9.24 -7.93
N SER A 71 18.00 -9.79 -9.06
CA SER A 71 18.99 -10.86 -9.08
C SER A 71 19.90 -10.73 -10.31
N GLY A 72 20.92 -11.58 -10.35
CA GLY A 72 21.87 -11.59 -11.46
C GLY A 72 23.23 -11.03 -11.04
N SER A 73 24.19 -11.10 -11.95
CA SER A 73 25.55 -10.63 -11.69
C SER A 73 26.25 -10.40 -13.02
N GLY A 74 27.27 -9.54 -13.00
CA GLY A 74 28.09 -9.30 -14.20
C GLY A 74 27.37 -8.54 -15.31
N THR A 75 26.88 -9.27 -16.30
CA THR A 75 26.15 -8.65 -17.41
C THR A 75 24.65 -8.94 -17.39
N ASP A 76 24.24 -10.11 -16.90
CA ASP A 76 22.82 -10.49 -16.88
C ASP A 76 22.14 -10.19 -15.55
N PHE A 77 20.97 -9.57 -15.62
CA PHE A 77 20.20 -9.14 -14.43
C PHE A 77 18.70 -9.34 -14.62
N THR A 78 17.99 -9.54 -13.51
CA THR A 78 16.55 -9.77 -13.57
C THR A 78 15.81 -9.06 -12.45
N LEU A 79 14.76 -8.34 -12.81
CA LEU A 79 13.82 -7.81 -11.82
C LEU A 79 12.59 -8.71 -11.79
N THR A 80 12.27 -9.19 -10.61
CA THR A 80 11.09 -10.04 -10.44
C THR A 80 10.11 -9.34 -9.53
N ILE A 81 8.89 -9.21 -10.01
CA ILE A 81 7.80 -8.73 -9.19
C ILE A 81 6.89 -9.93 -9.00
N SER A 82 6.91 -10.49 -7.80
CA SER A 82 6.00 -11.58 -7.47
C SER A 82 4.69 -10.93 -7.05
N SER A 83 3.61 -11.70 -7.04
CA SER A 83 2.30 -11.21 -6.58
C SER A 83 1.97 -9.81 -7.12
N LEU A 84 1.96 -9.65 -8.44
CA LEU A 84 1.72 -8.34 -9.06
C LEU A 84 0.43 -7.72 -8.54
N GLN A 85 0.51 -6.46 -8.10
CA GLN A 85 -0.67 -5.72 -7.63
C GLN A 85 -1.05 -4.66 -8.66
N ALA A 86 -2.29 -4.20 -8.62
CA ALA A 86 -2.80 -3.24 -9.58
C ALA A 86 -1.99 -1.94 -9.58
N GLU A 87 -1.53 -1.54 -8.39
CA GLU A 87 -0.76 -0.30 -8.21
C GLU A 87 0.66 -0.38 -8.80
N ASP A 88 1.05 -1.56 -9.26
CA ASP A 88 2.38 -1.79 -9.81
C ASP A 88 2.50 -1.44 -11.29
N VAL A 89 1.42 -0.98 -11.91
CA VAL A 89 1.49 -0.55 -13.31
C VAL A 89 2.48 0.63 -13.40
N ALA A 90 3.47 0.48 -14.27
CA ALA A 90 4.58 1.42 -14.37
C ALA A 90 5.51 1.01 -15.48
N VAL A 91 6.45 1.90 -15.80
CA VAL A 91 7.59 1.55 -16.62
C VAL A 91 8.77 1.30 -15.67
N TYR A 92 9.47 0.19 -15.91
CA TYR A 92 10.61 -0.19 -15.07
C TYR A 92 11.92 -0.05 -15.84
N TYR A 93 12.90 0.59 -15.20
CA TYR A 93 14.20 0.86 -15.82
C TYR A 93 15.33 0.23 -15.02
N CYS A 94 16.20 -0.53 -15.69
CA CYS A 94 17.49 -0.85 -15.09
C CYS A 94 18.48 0.28 -15.38
N GLN A 95 19.47 0.43 -14.51
CA GLN A 95 20.50 1.46 -14.68
C GLN A 95 21.84 0.99 -14.12
N GLN A 96 22.89 1.11 -14.92
CA GLN A 96 24.24 0.96 -14.40
C GLN A 96 24.79 2.28 -13.86
N TYR A 97 25.34 2.24 -12.66
CA TYR A 97 26.06 3.38 -12.11
C TYR A 97 27.51 3.00 -11.81
N TYR A 98 28.07 2.18 -12.70
CA TYR A 98 29.44 1.65 -12.59
C TYR A 98 30.47 2.69 -13.02
N SER A 99 30.24 3.28 -14.19
CA SER A 99 31.11 4.31 -14.75
C SER A 99 30.28 5.36 -15.48
N THR A 100 30.82 6.57 -15.57
CA THR A 100 30.19 7.64 -16.34
C THR A 100 30.45 7.43 -17.83
N PRO A 101 29.45 7.68 -18.69
CA PRO A 101 28.13 8.20 -18.34
C PRO A 101 27.19 7.14 -17.77
N LEU A 102 26.50 7.46 -16.68
CA LEU A 102 25.41 6.63 -16.15
C LEU A 102 24.43 6.37 -17.30
N THR A 103 24.06 5.10 -17.48
CA THR A 103 23.18 4.72 -18.57
C THR A 103 21.99 3.90 -18.06
N PHE A 104 20.86 4.04 -18.78
CA PHE A 104 19.59 3.44 -18.41
C PHE A 104 19.21 2.47 -19.50
N GLY A 105 18.43 1.44 -19.17
CA GLY A 105 17.80 0.61 -20.18
C GLY A 105 16.67 1.39 -20.84
N GLN A 106 16.10 0.85 -21.91
CA GLN A 106 15.04 1.54 -22.65
C GLN A 106 13.67 1.55 -21.93
N GLY A 107 13.56 0.78 -20.85
CA GLY A 107 12.31 0.68 -20.08
C GLY A 107 11.43 -0.50 -20.46
N THR A 108 10.73 -1.05 -19.48
CA THR A 108 9.77 -2.13 -19.72
C THR A 108 8.43 -1.71 -19.16
N LYS A 109 7.40 -1.70 -20.00
CA LYS A 109 6.07 -1.34 -19.53
C LYS A 109 5.36 -2.58 -19.01
N VAL A 110 4.98 -2.52 -17.73
CA VAL A 110 4.20 -3.59 -17.11
C VAL A 110 2.73 -3.20 -17.12
N GLU A 111 1.94 -4.01 -17.81
CA GLU A 111 0.49 -3.84 -17.85
C GLU A 111 -0.20 -5.00 -17.13
N ILE A 112 -1.33 -4.69 -16.51
CA ILE A 112 -2.12 -5.68 -15.80
C ILE A 112 -3.09 -6.36 -16.77
N LYS A 113 -3.06 -7.69 -16.77
CA LYS A 113 -3.99 -8.50 -17.54
C LYS A 113 -5.19 -8.80 -16.65
N ARG A 114 -6.32 -8.18 -16.95
CA ARG A 114 -7.55 -8.38 -16.20
C ARG A 114 -8.62 -8.96 -17.12
N THR A 115 -9.83 -9.15 -16.58
CA THR A 115 -10.96 -9.62 -17.38
C THR A 115 -11.36 -8.55 -18.40
N VAL A 116 -11.98 -8.98 -19.49
CA VAL A 116 -12.51 -8.07 -20.50
C VAL A 116 -13.58 -7.17 -19.86
N ALA A 117 -13.53 -5.89 -20.18
CA ALA A 117 -14.57 -4.95 -19.74
C ALA A 117 -14.96 -4.04 -20.90
N ALA A 118 -16.26 -3.97 -21.19
CA ALA A 118 -16.76 -3.18 -22.31
C ALA A 118 -16.68 -1.69 -21.98
N PRO A 119 -16.37 -0.84 -22.98
CA PRO A 119 -16.42 0.60 -22.70
C PRO A 119 -17.84 1.10 -22.53
N SER A 120 -18.03 2.10 -21.67
CA SER A 120 -19.23 2.90 -21.70
C SER A 120 -18.97 4.06 -22.68
N VAL A 121 -19.86 4.24 -23.65
CA VAL A 121 -19.63 5.19 -24.75
C VAL A 121 -20.52 6.42 -24.59
N PHE A 122 -19.96 7.60 -24.84
CA PHE A 122 -20.68 8.87 -24.73
C PHE A 122 -20.25 9.76 -25.89
N ILE A 123 -21.20 10.43 -26.53
CA ILE A 123 -20.89 11.43 -27.56
C ILE A 123 -21.25 12.84 -27.07
N PHE A 124 -20.42 13.83 -27.43
CA PHE A 124 -20.64 15.23 -27.06
C PHE A 124 -20.65 16.16 -28.28
N PRO A 125 -21.78 16.87 -28.51
CA PRO A 125 -21.83 17.85 -29.60
C PRO A 125 -20.92 19.06 -29.33
N PRO A 126 -20.56 19.83 -30.37
CA PRO A 126 -19.80 21.04 -30.10
C PRO A 126 -20.67 22.05 -29.35
N SER A 127 -20.04 22.93 -28.57
CA SER A 127 -20.78 23.97 -27.87
C SER A 127 -21.09 25.12 -28.82
N ASP A 128 -22.12 25.88 -28.49
CA ASP A 128 -22.48 27.08 -29.25
C ASP A 128 -21.35 28.10 -29.22
N GLU A 129 -20.70 28.24 -28.06
CA GLU A 129 -19.56 29.14 -27.93
C GLU A 129 -18.42 28.80 -28.90
N GLN A 130 -18.04 27.53 -28.99
CA GLN A 130 -17.02 27.15 -29.97
C GLN A 130 -17.45 27.43 -31.41
N LEU A 131 -18.69 27.06 -31.74
CA LEU A 131 -19.19 27.26 -33.10
C LEU A 131 -19.03 28.71 -33.58
N LYS A 132 -19.23 29.67 -32.66
CA LYS A 132 -19.08 31.10 -32.99
C LYS A 132 -17.66 31.48 -33.42
N SER A 133 -16.68 30.72 -32.96
CA SER A 133 -15.28 30.93 -33.32
C SER A 133 -14.93 30.36 -34.70
N GLY A 134 -15.86 29.61 -35.30
CA GLY A 134 -15.66 29.07 -36.64
C GLY A 134 -15.28 27.60 -36.72
N THR A 135 -15.19 26.92 -35.57
CA THR A 135 -14.77 25.51 -35.53
C THR A 135 -15.75 24.66 -34.72
N ALA A 136 -15.86 23.37 -35.07
CA ALA A 136 -16.69 22.44 -34.33
C ALA A 136 -15.86 21.24 -33.89
N SER A 137 -15.79 20.99 -32.59
CA SER A 137 -15.18 19.77 -32.08
C SER A 137 -16.26 18.84 -31.57
N VAL A 138 -16.27 17.61 -32.07
CA VAL A 138 -17.20 16.57 -31.63
C VAL A 138 -16.39 15.53 -30.85
N VAL A 139 -16.81 15.21 -29.64
CA VAL A 139 -16.02 14.33 -28.77
C VAL A 139 -16.76 13.03 -28.49
N CYS A 140 -16.05 11.91 -28.60
CA CYS A 140 -16.58 10.60 -28.23
C CYS A 140 -15.71 10.03 -27.13
N LEU A 141 -16.34 9.61 -26.04
CA LEU A 141 -15.61 9.04 -24.90
C LEU A 141 -15.93 7.55 -24.77
N LEU A 142 -14.87 6.74 -24.62
CA LEU A 142 -14.98 5.32 -24.28
C LEU A 142 -14.43 5.18 -22.87
N ASN A 143 -15.29 4.81 -21.92
CA ASN A 143 -14.88 4.84 -20.53
C ASN A 143 -14.68 3.47 -19.87
N ASN A 144 -13.53 3.31 -19.21
CA ASN A 144 -13.26 2.16 -18.33
C ASN A 144 -13.41 0.79 -19.03
N PHE A 145 -12.57 0.57 -20.03
CA PHE A 145 -12.59 -0.67 -20.80
C PHE A 145 -11.27 -1.43 -20.73
N TYR A 146 -11.34 -2.73 -21.04
CA TYR A 146 -10.17 -3.60 -21.15
C TYR A 146 -10.51 -4.72 -22.14
N PRO A 147 -9.56 -5.08 -23.04
CA PRO A 147 -8.19 -4.57 -23.24
C PRO A 147 -8.12 -3.24 -23.99
N ARG A 148 -6.91 -2.75 -24.24
CA ARG A 148 -6.69 -1.40 -24.78
C ARG A 148 -7.19 -1.24 -26.22
N GLU A 149 -7.10 -2.31 -27.01
CA GLU A 149 -7.55 -2.28 -28.41
C GLU A 149 -9.03 -1.92 -28.53
N ALA A 150 -9.31 -0.91 -29.34
CA ALA A 150 -10.65 -0.40 -29.56
C ALA A 150 -10.65 0.30 -30.90
N LYS A 151 -11.78 0.26 -31.59
CA LYS A 151 -11.92 0.99 -32.84
C LYS A 151 -13.05 2.00 -32.75
N VAL A 152 -12.74 3.24 -33.08
CA VAL A 152 -13.72 4.30 -33.10
C VAL A 152 -13.86 4.73 -34.56
N GLN A 153 -15.09 4.75 -35.05
CA GLN A 153 -15.35 5.27 -36.38
C GLN A 153 -16.34 6.42 -36.24
N TRP A 154 -15.97 7.56 -36.83
CA TRP A 154 -16.83 8.72 -36.94
C TRP A 154 -17.59 8.65 -38.25
N LYS A 155 -18.90 8.91 -38.20
CA LYS A 155 -19.70 9.07 -39.41
C LYS A 155 -20.49 10.37 -39.34
N VAL A 156 -20.52 11.07 -40.47
CA VAL A 156 -21.28 12.32 -40.62
C VAL A 156 -22.21 12.07 -41.81
N ASP A 157 -23.52 12.02 -41.56
CA ASP A 157 -24.47 11.65 -42.60
C ASP A 157 -23.99 10.42 -43.41
N ASN A 158 -23.65 9.35 -42.71
CA ASN A 158 -23.23 8.07 -43.34
C ASN A 158 -21.81 8.01 -43.92
N ALA A 159 -21.17 9.16 -44.12
CA ALA A 159 -19.78 9.19 -44.63
C ALA A 159 -18.79 8.97 -43.49
N LEU A 160 -17.97 7.93 -43.61
CA LEU A 160 -16.89 7.68 -42.66
C LEU A 160 -15.88 8.81 -42.74
N GLN A 161 -15.52 9.35 -41.58
CA GLN A 161 -14.57 10.46 -41.49
C GLN A 161 -13.18 9.89 -41.20
N SER A 162 -12.20 10.26 -42.02
CA SER A 162 -10.85 9.78 -41.84
C SER A 162 -9.88 10.96 -41.99
N GLY A 163 -8.87 11.03 -41.14
CA GLY A 163 -7.91 12.11 -41.24
C GLY A 163 -8.23 13.38 -40.45
N ASN A 164 -9.47 13.50 -39.95
CA ASN A 164 -9.92 14.68 -39.20
C ASN A 164 -10.33 14.42 -37.76
N SER A 165 -9.78 13.35 -37.18
CA SER A 165 -9.92 13.08 -35.75
C SER A 165 -8.57 12.75 -35.08
N GLN A 166 -8.50 12.95 -33.77
CA GLN A 166 -7.36 12.49 -32.99
C GLN A 166 -7.88 11.83 -31.72
N GLU A 167 -7.13 10.83 -31.26
CA GLU A 167 -7.46 10.01 -30.09
C GLU A 167 -6.37 10.21 -29.04
N SER A 168 -6.76 10.10 -27.78
CA SER A 168 -5.84 10.08 -26.67
C SER A 168 -6.33 8.98 -25.72
N VAL A 169 -5.40 8.23 -25.12
CA VAL A 169 -5.74 7.14 -24.20
C VAL A 169 -5.08 7.39 -22.83
N THR A 170 -5.82 7.15 -21.76
CA THR A 170 -5.24 7.25 -20.43
C THR A 170 -4.28 6.08 -20.18
N GLU A 171 -3.40 6.26 -19.20
CA GLU A 171 -2.60 5.16 -18.68
C GLU A 171 -3.52 4.22 -17.91
N GLN A 172 -3.20 2.94 -17.90
CA GLN A 172 -4.03 1.95 -17.24
C GLN A 172 -4.27 2.36 -15.80
N ASP A 173 -5.55 2.37 -15.39
CA ASP A 173 -5.94 2.82 -14.06
C ASP A 173 -5.29 1.96 -12.97
N SER A 174 -4.79 2.61 -11.92
CA SER A 174 -4.06 1.94 -10.86
C SER A 174 -4.96 1.09 -9.95
N LYS A 175 -6.28 1.35 -9.96
CA LYS A 175 -7.23 0.62 -9.13
C LYS A 175 -7.95 -0.49 -9.90
N ASP A 176 -8.58 -0.14 -11.02
CA ASP A 176 -9.44 -1.09 -11.76
C ASP A 176 -8.79 -1.64 -13.03
N SER A 177 -7.57 -1.21 -13.31
CA SER A 177 -6.77 -1.70 -14.43
C SER A 177 -7.43 -1.51 -15.82
N THR A 178 -8.33 -0.54 -15.95
CA THR A 178 -8.96 -0.21 -17.24
C THR A 178 -8.33 1.00 -17.93
N TYR A 179 -8.74 1.20 -19.18
CA TYR A 179 -8.31 2.35 -19.96
C TYR A 179 -9.53 3.17 -20.25
N SER A 180 -9.32 4.45 -20.55
CA SER A 180 -10.37 5.26 -21.15
C SER A 180 -9.75 5.94 -22.37
N LEU A 181 -10.60 6.34 -23.31
CA LEU A 181 -10.13 6.90 -24.58
C LEU A 181 -11.09 8.01 -25.00
N SER A 182 -10.53 9.10 -25.52
CA SER A 182 -11.32 10.18 -26.13
C SER A 182 -10.88 10.30 -27.58
N SER A 183 -11.87 10.43 -28.46
CA SER A 183 -11.61 10.74 -29.86
C SER A 183 -12.29 12.07 -30.16
N THR A 184 -11.58 12.98 -30.83
CA THR A 184 -12.13 14.28 -31.15
C THR A 184 -12.17 14.46 -32.65
N LEU A 185 -13.36 14.65 -33.17
CA LEU A 185 -13.55 14.96 -34.60
C LEU A 185 -13.61 16.46 -34.73
N THR A 186 -12.75 17.02 -35.60
CA THR A 186 -12.73 18.47 -35.80
C THR A 186 -13.11 18.86 -37.23
N LEU A 187 -14.10 19.74 -37.35
CA LEU A 187 -14.50 20.29 -38.65
C LEU A 187 -14.79 21.78 -38.56
N SER A 188 -14.87 22.45 -39.69
CA SER A 188 -15.21 23.87 -39.72
C SER A 188 -16.68 24.03 -39.33
N LYS A 189 -17.05 25.20 -38.81
CA LYS A 189 -18.46 25.48 -38.51
C LYS A 189 -19.32 25.29 -39.77
N ALA A 190 -18.80 25.74 -40.92
CA ALA A 190 -19.52 25.64 -42.19
C ALA A 190 -19.81 24.19 -42.58
N ASP A 191 -18.80 23.33 -42.45
CA ASP A 191 -19.00 21.89 -42.69
C ASP A 191 -20.01 21.30 -41.71
N TYR A 192 -19.83 21.62 -40.44
CA TYR A 192 -20.74 21.12 -39.40
C TYR A 192 -22.21 21.43 -39.68
N GLU A 193 -22.48 22.62 -40.18
CA GLU A 193 -23.88 23.07 -40.36
C GLU A 193 -24.47 22.57 -41.67
N LYS A 194 -23.65 21.94 -42.49
CA LYS A 194 -24.10 21.32 -43.75
C LYS A 194 -24.61 19.89 -43.57
N HIS A 195 -24.44 19.33 -42.38
CA HIS A 195 -24.80 17.93 -42.14
C HIS A 195 -25.66 17.77 -40.90
N LYS A 196 -26.35 16.63 -40.81
CA LYS A 196 -27.33 16.40 -39.76
C LYS A 196 -26.92 15.38 -38.70
N VAL A 197 -26.61 14.16 -39.14
CA VAL A 197 -26.36 13.06 -38.22
C VAL A 197 -24.86 12.90 -37.93
N TYR A 198 -24.52 13.02 -36.65
CA TYR A 198 -23.14 12.85 -36.15
C TYR A 198 -23.10 11.61 -35.27
N ALA A 199 -22.24 10.65 -35.61
CA ALA A 199 -22.23 9.36 -34.93
C ALA A 199 -20.83 8.85 -34.65
N CYS A 200 -20.65 8.32 -33.45
N CYS A 200 -20.61 8.32 -33.45
CA CYS A 200 -19.44 7.64 -33.03
CA CYS A 200 -19.37 7.63 -33.17
C CYS A 200 -19.79 6.16 -32.90
C CYS A 200 -19.69 6.18 -32.84
N GLU A 201 -19.05 5.29 -33.59
CA GLU A 201 -19.32 3.87 -33.53
C GLU A 201 -18.11 3.19 -32.93
N VAL A 202 -18.33 2.40 -31.87
CA VAL A 202 -17.24 1.78 -31.12
C VAL A 202 -17.26 0.26 -31.26
N THR A 203 -16.11 -0.29 -31.65
CA THR A 203 -15.90 -1.74 -31.73
C THR A 203 -14.93 -2.12 -30.63
N HIS A 204 -15.29 -3.12 -29.83
CA HIS A 204 -14.43 -3.59 -28.75
C HIS A 204 -14.79 -5.03 -28.40
N GLN A 205 -13.78 -5.80 -28.01
CA GLN A 205 -13.94 -7.21 -27.62
C GLN A 205 -15.06 -7.46 -26.59
N GLY A 206 -15.29 -6.49 -25.70
CA GLY A 206 -16.31 -6.61 -24.67
C GLY A 206 -17.74 -6.37 -25.12
N LEU A 207 -17.91 -5.89 -26.34
CA LEU A 207 -19.22 -5.57 -26.91
C LEU A 207 -19.61 -6.67 -27.89
N SER A 208 -20.82 -7.19 -27.76
CA SER A 208 -21.25 -8.32 -28.60
C SER A 208 -21.30 -7.91 -30.08
N SER A 209 -21.60 -6.64 -30.32
CA SER A 209 -21.47 -6.01 -31.64
C SER A 209 -21.25 -4.50 -31.41
N PRO A 210 -20.81 -3.75 -32.45
CA PRO A 210 -20.47 -2.32 -32.23
C PRO A 210 -21.60 -1.47 -31.66
N VAL A 211 -21.24 -0.54 -30.79
CA VAL A 211 -22.17 0.39 -30.16
C VAL A 211 -22.04 1.74 -30.85
N THR A 212 -23.16 2.30 -31.27
CA THR A 212 -23.17 3.62 -31.87
C THR A 212 -23.85 4.64 -30.94
N LYS A 213 -23.17 5.75 -30.69
CA LYS A 213 -23.82 6.89 -30.04
C LYS A 213 -23.89 8.04 -31.05
N SER A 214 -25.05 8.70 -31.13
CA SER A 214 -25.24 9.71 -32.14
C SER A 214 -26.13 10.86 -31.69
N PHE A 215 -26.05 11.99 -32.40
CA PHE A 215 -27.00 13.09 -32.24
C PHE A 215 -27.31 13.69 -33.59
N ASN A 216 -28.43 14.40 -33.66
CA ASN A 216 -28.78 15.17 -34.83
C ASN A 216 -28.50 16.62 -34.50
N ARG A 217 -27.78 17.30 -35.38
CA ARG A 217 -27.41 18.70 -35.12
C ARG A 217 -28.67 19.54 -34.91
N GLY A 218 -28.69 20.32 -33.83
CA GLY A 218 -29.79 21.23 -33.55
C GLY A 218 -30.93 20.64 -32.75
N GLU A 219 -31.01 19.31 -32.72
CA GLU A 219 -32.11 18.61 -32.06
C GLU A 219 -31.82 18.31 -30.60
N CYS A 220 -32.86 18.46 -29.79
CA CYS A 220 -32.79 18.18 -28.36
C CYS A 220 -32.76 16.68 -28.10
N GLU B 1 11.59 16.75 5.60
CA GLU B 1 11.90 15.61 4.68
C GLU B 1 12.84 16.02 3.53
N VAL B 2 13.52 15.03 2.94
CA VAL B 2 14.39 15.24 1.78
C VAL B 2 13.58 15.76 0.59
N GLN B 3 14.06 16.85 -0.01
CA GLN B 3 13.32 17.53 -1.07
C GLN B 3 14.24 18.11 -2.13
N LEU B 4 13.83 17.97 -3.39
CA LEU B 4 14.50 18.60 -4.53
C LEU B 4 13.44 19.28 -5.39
N LEU B 5 13.49 20.61 -5.47
CA LEU B 5 12.49 21.41 -6.17
C LEU B 5 13.13 22.13 -7.35
N GLU B 6 12.87 21.64 -8.56
CA GLU B 6 13.41 22.25 -9.77
C GLU B 6 12.57 23.47 -10.15
N SER B 7 13.22 24.45 -10.78
CA SER B 7 12.55 25.61 -11.35
C SER B 7 13.38 26.11 -12.53
N GLY B 8 12.85 27.11 -13.26
CA GLY B 8 13.60 27.75 -14.33
C GLY B 8 13.31 27.25 -15.72
N GLY B 9 12.54 26.16 -15.83
CA GLY B 9 12.18 25.60 -17.14
C GLY B 9 11.03 26.36 -17.79
N GLY B 10 10.95 26.28 -19.11
CA GLY B 10 9.89 26.95 -19.86
C GLY B 10 10.20 26.90 -21.34
N LEU B 11 9.47 27.69 -22.11
CA LEU B 11 9.63 27.79 -23.54
C LEU B 11 10.80 28.72 -23.92
N VAL B 12 11.68 28.23 -24.78
CA VAL B 12 12.85 28.99 -25.23
C VAL B 12 13.10 28.74 -26.72
N GLN B 13 13.56 29.76 -27.44
CA GLN B 13 13.91 29.68 -28.86
C GLN B 13 15.04 28.69 -29.09
N PRO B 14 15.02 27.99 -30.24
CA PRO B 14 16.19 27.20 -30.62
C PRO B 14 17.39 28.14 -30.77
N GLY B 15 18.54 27.74 -30.24
CA GLY B 15 19.74 28.59 -30.21
C GLY B 15 19.79 29.46 -28.98
N GLY B 16 18.72 29.46 -28.19
CA GLY B 16 18.65 30.26 -26.99
C GLY B 16 19.23 29.57 -25.79
N SER B 17 19.17 30.24 -24.65
CA SER B 17 19.71 29.69 -23.42
C SER B 17 18.71 29.76 -22.27
N LEU B 18 18.91 28.91 -21.26
CA LEU B 18 18.03 28.82 -20.10
C LEU B 18 18.83 28.31 -18.89
N ARG B 19 18.53 28.80 -17.71
CA ARG B 19 19.21 28.32 -16.51
C ARG B 19 18.23 27.65 -15.54
N LEU B 20 18.42 26.35 -15.33
CA LEU B 20 17.60 25.62 -14.36
C LEU B 20 18.20 25.69 -12.98
N SER B 21 17.34 25.70 -11.97
CA SER B 21 17.74 25.65 -10.58
C SER B 21 17.06 24.48 -9.88
N CYS B 22 17.68 24.02 -8.80
CA CYS B 22 17.13 22.96 -7.98
C CYS B 22 17.43 23.27 -6.53
N ALA B 23 16.38 23.54 -5.76
CA ALA B 23 16.50 23.88 -4.35
C ALA B 23 16.46 22.61 -3.49
N ALA B 24 17.61 22.27 -2.90
CA ALA B 24 17.74 21.09 -2.06
C ALA B 24 17.49 21.42 -0.59
N SER B 25 16.77 20.53 0.10
CA SER B 25 16.49 20.66 1.53
C SER B 25 16.23 19.31 2.21
N GLY B 26 16.33 19.29 3.54
CA GLY B 26 16.10 18.08 4.33
C GLY B 26 17.32 17.20 4.50
N PHE B 27 18.46 17.64 3.95
CA PHE B 27 19.73 16.95 4.05
C PHE B 27 20.90 17.91 3.87
N THR B 28 22.12 17.43 4.12
CA THR B 28 23.32 18.26 4.00
C THR B 28 23.84 18.25 2.56
N PHE B 29 23.40 19.25 1.80
CA PHE B 29 23.62 19.33 0.36
C PHE B 29 25.06 19.09 -0.10
N SER B 30 26.02 19.72 0.58
CA SER B 30 27.45 19.64 0.21
C SER B 30 28.05 18.24 0.34
N SER B 31 27.42 17.41 1.18
CA SER B 31 27.89 16.04 1.43
C SER B 31 27.75 15.13 0.22
N TYR B 32 26.83 15.47 -0.69
CA TYR B 32 26.42 14.58 -1.76
C TYR B 32 26.69 15.12 -3.16
N ALA B 33 27.15 14.23 -4.05
CA ALA B 33 27.20 14.52 -5.49
C ALA B 33 25.75 14.69 -6.00
N MET B 34 25.58 15.47 -7.07
CA MET B 34 24.24 15.74 -7.63
C MET B 34 24.23 15.54 -9.13
N SER B 35 23.03 15.28 -9.67
CA SER B 35 22.89 14.99 -11.09
C SER B 35 21.69 15.71 -11.72
N TRP B 36 21.74 15.87 -13.05
CA TRP B 36 20.61 16.29 -13.86
C TRP B 36 20.34 15.13 -14.79
N VAL B 37 19.07 14.73 -14.87
CA VAL B 37 18.65 13.64 -15.75
C VAL B 37 17.40 14.13 -16.50
N ARG B 38 17.33 13.88 -17.80
CA ARG B 38 16.24 14.39 -18.63
C ARG B 38 15.43 13.26 -19.23
N GLN B 39 14.18 13.58 -19.57
CA GLN B 39 13.29 12.64 -20.20
C GLN B 39 12.47 13.39 -21.23
N ALA B 40 12.72 13.11 -22.50
CA ALA B 40 11.94 13.67 -23.59
C ALA B 40 10.54 13.05 -23.56
N PRO B 41 9.52 13.81 -24.01
CA PRO B 41 8.14 13.31 -23.97
C PRO B 41 7.99 11.94 -24.63
N GLY B 42 7.39 11.00 -23.89
CA GLY B 42 7.18 9.63 -24.37
C GLY B 42 8.42 8.76 -24.50
N LYS B 43 9.57 9.27 -24.07
CA LYS B 43 10.84 8.57 -24.25
C LYS B 43 11.48 8.12 -22.92
N GLY B 44 12.67 7.52 -23.01
CA GLY B 44 13.37 6.99 -21.85
C GLY B 44 14.12 8.04 -21.06
N LEU B 45 14.93 7.57 -20.10
CA LEU B 45 15.71 8.45 -19.25
C LEU B 45 17.10 8.65 -19.83
N GLU B 46 17.58 9.88 -19.82
CA GLU B 46 18.93 10.21 -20.31
C GLU B 46 19.71 11.04 -19.31
N TRP B 47 20.76 10.45 -18.76
CA TRP B 47 21.66 11.15 -17.85
C TRP B 47 22.35 12.30 -18.62
N VAL B 48 22.39 13.47 -17.98
CA VAL B 48 22.84 14.70 -18.63
C VAL B 48 24.19 15.13 -18.08
N SER B 49 24.28 15.22 -16.76
CA SER B 49 25.44 15.79 -16.10
C SER B 49 25.49 15.44 -14.63
N ALA B 50 26.71 15.40 -14.08
CA ALA B 50 26.93 15.17 -12.67
C ALA B 50 28.00 16.11 -12.12
N ILE B 51 27.88 16.45 -10.85
CA ILE B 51 28.83 17.32 -10.17
C ILE B 51 29.18 16.73 -8.80
N SER B 52 30.46 16.80 -8.44
CA SER B 52 30.92 16.34 -7.12
C SER B 52 30.36 17.23 -6.02
N GLY B 53 30.39 16.71 -4.78
CA GLY B 53 29.86 17.43 -3.62
C GLY B 53 30.47 18.80 -3.37
N SER B 54 31.75 18.95 -3.73
CA SER B 54 32.46 20.22 -3.57
C SER B 54 32.25 21.13 -4.77
N GLY B 55 32.06 20.52 -5.94
CA GLY B 55 31.90 21.26 -7.19
C GLY B 55 33.15 21.17 -8.03
N GLY B 56 34.21 20.59 -7.47
CA GLY B 56 35.51 20.49 -8.14
C GLY B 56 35.50 19.64 -9.38
N SER B 57 34.58 18.69 -9.45
CA SER B 57 34.51 17.75 -10.56
C SER B 57 33.15 17.82 -11.25
N THR B 58 33.15 17.80 -12.58
CA THR B 58 31.92 17.83 -13.37
C THR B 58 32.03 16.85 -14.53
N TYR B 59 30.90 16.25 -14.90
CA TYR B 59 30.82 15.29 -16.00
C TYR B 59 29.58 15.60 -16.82
N TYR B 60 29.62 15.27 -18.12
CA TYR B 60 28.53 15.57 -19.05
C TYR B 60 28.37 14.43 -20.03
N ALA B 61 27.14 14.23 -20.51
CA ALA B 61 26.89 13.35 -21.65
C ALA B 61 27.51 14.00 -22.90
N ASP B 62 27.83 13.19 -23.90
CA ASP B 62 28.41 13.70 -25.15
C ASP B 62 27.47 14.69 -25.86
N SER B 63 26.17 14.38 -25.81
CA SER B 63 25.13 15.19 -26.45
C SER B 63 25.02 16.62 -25.91
N VAL B 64 25.51 16.86 -24.69
CA VAL B 64 25.40 18.16 -24.05
C VAL B 64 26.74 18.88 -23.78
N LYS B 65 27.86 18.19 -24.03
CA LYS B 65 29.18 18.74 -23.70
C LYS B 65 29.50 20.01 -24.50
N GLY B 66 29.96 21.04 -23.80
CA GLY B 66 30.30 22.31 -24.44
C GLY B 66 29.12 23.27 -24.58
N ARG B 67 27.90 22.76 -24.40
CA ARG B 67 26.69 23.60 -24.46
C ARG B 67 26.14 23.84 -23.06
N PHE B 68 26.15 22.80 -22.22
CA PHE B 68 25.59 22.86 -20.86
C PHE B 68 26.70 22.95 -19.80
N THR B 69 26.42 23.66 -18.72
CA THR B 69 27.35 23.76 -17.61
C THR B 69 26.65 23.53 -16.27
N ILE B 70 27.01 22.43 -15.61
CA ILE B 70 26.50 22.12 -14.27
C ILE B 70 27.33 22.86 -13.22
N SER B 71 26.66 23.34 -12.18
CA SER B 71 27.31 24.07 -11.10
C SER B 71 26.46 24.05 -9.83
N ARG B 72 27.05 24.38 -8.70
CA ARG B 72 26.32 24.40 -7.44
C ARG B 72 26.75 25.49 -6.47
N ASP B 73 25.82 25.89 -5.62
CA ASP B 73 26.07 26.83 -4.54
C ASP B 73 25.69 26.19 -3.21
N ASN B 74 26.68 25.66 -2.52
CA ASN B 74 26.47 24.95 -1.24
C ASN B 74 25.96 25.82 -0.09
N SER B 75 26.25 27.12 -0.15
CA SER B 75 25.73 28.06 0.85
C SER B 75 24.23 28.29 0.68
N LYS B 76 23.76 28.25 -0.58
CA LYS B 76 22.33 28.39 -0.88
C LYS B 76 21.60 27.05 -1.02
N ASN B 77 22.35 25.94 -1.00
CA ASN B 77 21.81 24.60 -1.22
C ASN B 77 21.12 24.51 -2.58
N THR B 78 21.85 24.84 -3.65
CA THR B 78 21.24 24.94 -4.97
C THR B 78 22.13 24.35 -6.06
N LEU B 79 21.53 23.53 -6.92
CA LEU B 79 22.19 23.00 -8.11
C LEU B 79 21.69 23.78 -9.33
N TYR B 80 22.57 24.04 -10.30
CA TYR B 80 22.21 24.79 -11.50
C TYR B 80 22.55 24.01 -12.74
N LEU B 81 21.81 24.25 -13.81
CA LEU B 81 22.24 23.81 -15.12
C LEU B 81 22.04 24.95 -16.11
N GLN B 82 23.17 25.51 -16.56
CA GLN B 82 23.18 26.53 -17.59
C GLN B 82 23.17 25.86 -18.95
N MET B 83 22.13 26.12 -19.74
CA MET B 83 21.94 25.43 -21.01
C MET B 83 21.99 26.45 -22.14
N ASN B 84 22.99 26.34 -23.01
CA ASN B 84 23.16 27.27 -24.13
C ASN B 84 23.00 26.53 -25.44
N SER B 85 22.81 27.30 -26.52
CA SER B 85 22.67 26.75 -27.87
C SER B 85 21.68 25.58 -27.92
N LEU B 86 20.51 25.79 -27.31
CA LEU B 86 19.47 24.75 -27.25
C LEU B 86 18.94 24.32 -28.61
N ARG B 87 18.61 23.03 -28.71
CA ARG B 87 18.08 22.44 -29.93
C ARG B 87 16.72 21.83 -29.61
N ALA B 88 15.91 21.57 -30.63
CA ALA B 88 14.59 20.97 -30.44
C ALA B 88 14.71 19.64 -29.68
N GLU B 89 15.84 18.95 -29.85
CA GLU B 89 16.11 17.66 -29.22
C GLU B 89 16.38 17.74 -27.71
N ASP B 90 16.66 18.95 -27.21
CA ASP B 90 16.84 19.16 -25.78
C ASP B 90 15.51 19.32 -25.02
N THR B 91 14.40 19.32 -25.75
CA THR B 91 13.08 19.40 -25.13
C THR B 91 12.89 18.16 -24.25
N ALA B 92 12.60 18.39 -22.97
CA ALA B 92 12.50 17.33 -21.99
C ALA B 92 12.06 17.86 -20.66
N VAL B 93 11.58 16.95 -19.81
CA VAL B 93 11.45 17.23 -18.39
C VAL B 93 12.87 17.01 -17.83
N TYR B 94 13.34 17.96 -17.03
CA TYR B 94 14.67 17.86 -16.44
C TYR B 94 14.54 17.61 -14.95
N TYR B 95 15.09 16.48 -14.51
CA TYR B 95 15.06 16.08 -13.10
C TYR B 95 16.37 16.38 -12.40
N CYS B 96 16.26 16.97 -11.22
CA CYS B 96 17.36 17.08 -10.26
C CYS B 96 17.41 15.76 -9.49
N ALA B 97 18.60 15.17 -9.34
CA ALA B 97 18.74 13.87 -8.66
C ALA B 97 19.96 13.82 -7.73
N LYS B 98 19.75 13.27 -6.54
CA LYS B 98 20.80 13.14 -5.53
C LYS B 98 21.46 11.76 -5.60
N TYR B 99 22.78 11.73 -5.46
CA TYR B 99 23.53 10.47 -5.34
C TYR B 99 23.54 9.99 -3.90
N ASP B 100 23.67 8.67 -3.71
CA ASP B 100 23.84 8.12 -2.37
C ASP B 100 25.21 8.52 -1.80
N GLY B 101 25.23 8.77 -0.49
CA GLY B 101 26.45 9.20 0.22
C GLY B 101 27.70 8.41 -0.10
N ILE B 102 27.61 7.09 -0.05
CA ILE B 102 28.77 6.21 -0.26
C ILE B 102 28.68 5.35 -1.53
N TYR B 103 27.56 4.63 -1.70
CA TYR B 103 27.40 3.69 -2.80
C TYR B 103 27.47 4.36 -4.19
N GLY B 104 26.72 5.45 -4.36
CA GLY B 104 26.79 6.25 -5.59
C GLY B 104 25.69 6.03 -6.61
N GLU B 105 24.50 5.65 -6.15
CA GLU B 105 23.33 5.52 -7.03
C GLU B 105 22.38 6.71 -6.83
N LEU B 106 21.51 6.96 -7.81
CA LEU B 106 20.55 8.06 -7.69
C LEU B 106 19.33 7.64 -6.86
N ASP B 107 19.33 8.05 -5.59
CA ASP B 107 18.34 7.56 -4.63
C ASP B 107 17.18 8.52 -4.34
N PHE B 108 17.27 9.76 -4.83
CA PHE B 108 16.15 10.70 -4.73
C PHE B 108 16.06 11.66 -5.92
N TRP B 109 14.84 11.84 -6.45
CA TRP B 109 14.60 12.68 -7.63
C TRP B 109 13.52 13.73 -7.34
N GLY B 110 13.69 14.92 -7.93
CA GLY B 110 12.67 15.96 -7.84
C GLY B 110 11.55 15.65 -8.80
N GLN B 111 10.50 16.48 -8.77
CA GLN B 111 9.34 16.30 -9.66
C GLN B 111 9.66 16.65 -11.13
N GLY B 112 10.69 17.47 -11.32
CA GLY B 112 11.15 17.79 -12.67
C GLY B 112 10.62 19.14 -13.14
N THR B 113 11.28 19.68 -14.16
CA THR B 113 10.84 20.93 -14.78
C THR B 113 10.89 20.76 -16.29
N LEU B 114 9.84 21.21 -16.98
CA LEU B 114 9.70 21.02 -18.40
C LEU B 114 10.40 22.14 -19.19
N VAL B 115 11.27 21.73 -20.11
CA VAL B 115 11.94 22.66 -21.02
C VAL B 115 11.45 22.35 -22.41
N THR B 116 10.98 23.38 -23.11
CA THR B 116 10.45 23.19 -24.46
C THR B 116 11.24 24.09 -25.39
N VAL B 117 11.93 23.49 -26.35
CA VAL B 117 12.73 24.27 -27.31
C VAL B 117 11.99 24.35 -28.64
N SER B 118 11.47 25.55 -28.93
CA SER B 118 10.57 25.75 -30.07
C SER B 118 10.51 27.23 -30.46
N SER B 119 10.21 27.48 -31.71
CA SER B 119 9.98 28.84 -32.17
C SER B 119 8.48 29.18 -32.13
N ALA B 120 7.64 28.22 -31.73
CA ALA B 120 6.19 28.44 -31.63
C ALA B 120 5.82 29.41 -30.50
N SER B 121 4.72 30.12 -30.68
CA SER B 121 4.26 31.14 -29.73
C SER B 121 3.48 30.56 -28.55
N THR B 122 3.66 31.16 -27.38
CA THR B 122 2.80 30.90 -26.22
C THR B 122 1.37 31.32 -26.56
N LYS B 123 0.41 30.46 -26.24
CA LYS B 123 -1.00 30.74 -26.48
C LYS B 123 -1.85 30.02 -25.44
N GLY B 124 -2.79 30.75 -24.84
CA GLY B 124 -3.68 30.20 -23.83
C GLY B 124 -4.86 29.44 -24.44
N PRO B 125 -5.37 28.42 -23.72
CA PRO B 125 -6.47 27.61 -24.24
C PRO B 125 -7.84 28.29 -24.17
N SER B 126 -8.74 27.86 -25.02
CA SER B 126 -10.18 28.09 -24.85
C SER B 126 -10.78 26.85 -24.21
N VAL B 127 -11.73 27.03 -23.29
CA VAL B 127 -12.33 25.92 -22.58
C VAL B 127 -13.81 25.80 -22.92
N PHE B 128 -14.21 24.63 -23.44
CA PHE B 128 -15.57 24.39 -23.88
C PHE B 128 -16.21 23.25 -23.09
N PRO B 129 -17.54 23.29 -22.91
CA PRO B 129 -18.19 22.23 -22.16
C PRO B 129 -18.38 20.97 -22.98
N LEU B 130 -18.22 19.82 -22.32
CA LEU B 130 -18.73 18.54 -22.82
C LEU B 130 -19.96 18.24 -21.97
N ALA B 131 -21.11 18.64 -22.47
CA ALA B 131 -22.33 18.68 -21.64
C ALA B 131 -22.97 17.30 -21.55
N PRO B 132 -23.49 16.93 -20.37
CA PRO B 132 -24.13 15.62 -20.21
C PRO B 132 -25.50 15.62 -20.89
N SER B 133 -25.96 14.45 -21.34
CA SER B 133 -27.35 14.33 -21.81
C SER B 133 -28.15 13.39 -20.92
N GLY B 140 -28.40 5.56 -14.86
CA GLY B 140 -27.54 5.46 -13.70
C GLY B 140 -26.40 6.48 -13.72
N THR B 141 -25.50 6.32 -14.69
CA THR B 141 -24.28 7.13 -14.79
C THR B 141 -24.29 8.08 -15.99
N ALA B 142 -23.92 9.33 -15.75
CA ALA B 142 -23.73 10.31 -16.82
C ALA B 142 -22.28 10.76 -16.92
N ALA B 143 -21.85 11.14 -18.11
CA ALA B 143 -20.50 11.69 -18.31
C ALA B 143 -20.60 13.15 -18.75
N LEU B 144 -19.67 13.95 -18.23
CA LEU B 144 -19.54 15.35 -18.63
C LEU B 144 -18.05 15.69 -18.59
N GLY B 145 -17.68 16.85 -19.11
CA GLY B 145 -16.27 17.20 -19.17
C GLY B 145 -16.01 18.59 -19.70
N CYS B 146 -14.73 18.89 -19.91
CA CYS B 146 -14.27 20.13 -20.48
C CYS B 146 -13.26 19.80 -21.58
N LEU B 147 -13.39 20.50 -22.70
CA LEU B 147 -12.42 20.41 -23.78
C LEU B 147 -11.54 21.64 -23.66
N VAL B 148 -10.24 21.41 -23.47
CA VAL B 148 -9.25 22.48 -23.29
C VAL B 148 -8.47 22.58 -24.60
N LYS B 149 -8.85 23.54 -25.43
CA LYS B 149 -8.41 23.51 -26.83
C LYS B 149 -7.51 24.67 -27.23
N ASP B 150 -6.50 24.34 -28.05
CA ASP B 150 -5.63 25.30 -28.75
C ASP B 150 -4.69 26.07 -27.83
N TYR B 151 -3.75 25.37 -27.21
CA TYR B 151 -2.78 26.01 -26.33
C TYR B 151 -1.33 25.58 -26.64
N PHE B 152 -0.38 26.40 -26.22
CA PHE B 152 1.03 26.09 -26.34
C PHE B 152 1.79 26.95 -25.34
N PRO B 153 2.87 26.42 -24.73
CA PRO B 153 3.37 25.03 -24.70
C PRO B 153 2.61 24.23 -23.66
N GLU B 154 2.99 22.96 -23.47
CA GLU B 154 2.57 22.21 -22.29
C GLU B 154 3.19 22.89 -21.05
N PRO B 155 2.67 22.60 -19.84
CA PRO B 155 1.49 21.81 -19.49
C PRO B 155 0.24 22.64 -19.12
N VAL B 156 -0.91 21.97 -19.07
CA VAL B 156 -2.10 22.53 -18.39
C VAL B 156 -2.48 21.63 -17.21
N THR B 157 -3.04 22.23 -16.17
CA THR B 157 -3.64 21.45 -15.09
C THR B 157 -5.15 21.59 -15.14
N VAL B 158 -5.85 20.51 -14.80
CA VAL B 158 -7.31 20.51 -14.68
C VAL B 158 -7.70 19.84 -13.36
N SER B 159 -8.51 20.52 -12.57
CA SER B 159 -9.17 19.89 -11.43
C SER B 159 -10.67 20.06 -11.58
N TRP B 160 -11.42 19.34 -10.76
CA TRP B 160 -12.86 19.47 -10.76
C TRP B 160 -13.33 19.91 -9.39
N ASN B 161 -14.24 20.88 -9.37
CA ASN B 161 -14.78 21.47 -8.14
C ASN B 161 -13.68 21.84 -7.13
N SER B 162 -12.66 22.54 -7.62
CA SER B 162 -11.50 22.97 -6.84
C SER B 162 -10.79 21.82 -6.09
N GLY B 163 -10.84 20.62 -6.67
CA GLY B 163 -10.20 19.45 -6.09
C GLY B 163 -11.08 18.60 -5.19
N ALA B 164 -12.34 19.02 -5.00
CA ALA B 164 -13.28 18.27 -4.18
C ALA B 164 -13.79 17.02 -4.91
N LEU B 165 -13.74 17.04 -6.23
CA LEU B 165 -14.16 15.90 -7.06
C LEU B 165 -12.97 15.26 -7.77
N THR B 166 -12.66 14.03 -7.40
CA THR B 166 -11.50 13.32 -7.96
C THR B 166 -11.90 11.94 -8.46
N SER B 167 -12.91 11.34 -7.82
CA SER B 167 -13.41 10.03 -8.20
C SER B 167 -14.05 10.04 -9.57
N GLY B 168 -13.62 9.11 -10.42
CA GLY B 168 -14.19 8.97 -11.77
C GLY B 168 -13.73 9.99 -12.80
N VAL B 169 -12.76 10.82 -12.42
CA VAL B 169 -12.19 11.84 -13.33
C VAL B 169 -11.13 11.21 -14.22
N HIS B 170 -11.21 11.47 -15.53
CA HIS B 170 -10.13 11.11 -16.45
C HIS B 170 -9.69 12.36 -17.20
N THR B 171 -8.46 12.78 -16.94
CA THR B 171 -7.87 13.87 -17.71
C THR B 171 -6.89 13.24 -18.71
N PHE B 172 -7.21 13.39 -19.99
CA PHE B 172 -6.45 12.72 -21.04
C PHE B 172 -5.11 13.38 -21.35
N PRO B 173 -4.11 12.57 -21.77
CA PRO B 173 -2.88 13.14 -22.31
C PRO B 173 -3.21 14.15 -23.41
N ALA B 174 -2.50 15.26 -23.47
CA ALA B 174 -2.68 16.24 -24.54
C ALA B 174 -2.21 15.65 -25.86
N VAL B 175 -2.90 16.01 -26.93
CA VAL B 175 -2.44 15.66 -28.27
C VAL B 175 -2.06 16.93 -29.04
N LEU B 176 -0.97 16.85 -29.80
CA LEU B 176 -0.54 17.93 -30.68
C LEU B 176 -1.37 17.93 -31.96
N GLN B 177 -2.11 19.02 -32.20
CA GLN B 177 -2.91 19.13 -33.43
C GLN B 177 -2.01 19.53 -34.59
N SER B 178 -2.49 19.39 -35.83
CA SER B 178 -1.67 19.71 -37.00
C SER B 178 -1.37 21.21 -37.08
N SER B 179 -2.15 22.02 -36.37
CA SER B 179 -1.87 23.44 -36.21
C SER B 179 -0.63 23.71 -35.35
N GLY B 180 -0.13 22.68 -34.66
CA GLY B 180 0.99 22.87 -33.73
C GLY B 180 0.54 23.35 -32.35
N LEU B 181 -0.76 23.30 -32.10
CA LEU B 181 -1.30 23.62 -30.79
C LEU B 181 -1.81 22.35 -30.10
N TYR B 182 -1.71 22.30 -28.77
CA TYR B 182 -2.21 21.16 -28.01
C TYR B 182 -3.71 21.29 -27.74
N SER B 183 -4.35 20.14 -27.50
CA SER B 183 -5.72 20.09 -27.02
C SER B 183 -5.86 18.87 -26.12
N LEU B 184 -6.70 18.97 -25.10
CA LEU B 184 -6.99 17.84 -24.23
C LEU B 184 -8.41 17.91 -23.69
N SER B 185 -8.94 16.77 -23.28
CA SER B 185 -10.21 16.74 -22.58
C SER B 185 -10.03 16.21 -21.16
N SER B 186 -10.86 16.69 -20.26
CA SER B 186 -10.98 16.08 -18.95
C SER B 186 -12.44 15.72 -18.80
N VAL B 187 -12.71 14.50 -18.36
CA VAL B 187 -14.08 14.06 -18.17
C VAL B 187 -14.25 13.53 -16.75
N VAL B 188 -15.51 13.43 -16.31
CA VAL B 188 -15.84 12.74 -15.08
C VAL B 188 -17.17 12.02 -15.29
N THR B 189 -17.32 10.82 -14.71
CA THR B 189 -18.61 10.15 -14.66
C THR B 189 -19.22 10.36 -13.28
N VAL B 190 -20.53 10.63 -13.27
CA VAL B 190 -21.26 11.02 -12.06
C VAL B 190 -22.64 10.34 -12.10
N PRO B 191 -23.29 10.22 -10.93
CA PRO B 191 -24.67 9.70 -10.93
C PRO B 191 -25.58 10.64 -11.72
N SER B 192 -26.39 10.07 -12.62
CA SER B 192 -27.30 10.88 -13.44
C SER B 192 -28.29 11.67 -12.60
N SER B 193 -28.64 11.16 -11.43
CA SER B 193 -29.52 11.86 -10.48
C SER B 193 -28.87 13.12 -9.90
N SER B 194 -27.55 13.22 -10.01
CA SER B 194 -26.79 14.38 -9.52
C SER B 194 -26.90 15.61 -10.42
N LEU B 195 -27.27 15.40 -11.68
CA LEU B 195 -27.25 16.47 -12.70
C LEU B 195 -28.09 17.70 -12.38
N GLY B 196 -29.20 17.49 -11.68
CA GLY B 196 -30.09 18.59 -11.32
C GLY B 196 -29.57 19.40 -10.15
N THR B 197 -28.89 18.73 -9.22
CA THR B 197 -28.51 19.33 -7.94
C THR B 197 -27.04 19.76 -7.85
N GLN B 198 -26.12 18.87 -8.17
CA GLN B 198 -24.69 19.09 -7.98
C GLN B 198 -24.10 19.94 -9.10
N THR B 199 -23.34 20.98 -8.73
CA THR B 199 -22.62 21.82 -9.67
C THR B 199 -21.29 21.17 -10.02
N TYR B 200 -20.94 21.23 -11.31
CA TYR B 200 -19.70 20.67 -11.82
C TYR B 200 -18.92 21.73 -12.58
N ILE B 201 -17.76 22.09 -12.04
CA ILE B 201 -16.90 23.12 -12.61
C ILE B 201 -15.51 22.53 -12.79
N CYS B 202 -14.96 22.66 -14.00
CA CYS B 202 -13.56 22.30 -14.22
C CYS B 202 -12.68 23.55 -14.06
N ASN B 203 -11.64 23.40 -13.24
CA ASN B 203 -10.68 24.47 -12.99
C ASN B 203 -9.44 24.26 -13.84
N VAL B 204 -9.26 25.10 -14.85
CA VAL B 204 -8.18 24.96 -15.83
C VAL B 204 -7.12 26.03 -15.61
N ASN B 205 -5.86 25.61 -15.57
CA ASN B 205 -4.77 26.54 -15.44
C ASN B 205 -3.68 26.22 -16.44
N HIS B 206 -3.40 27.19 -17.30
CA HIS B 206 -2.26 27.10 -18.23
C HIS B 206 -1.28 28.17 -17.79
N LYS B 207 -0.39 27.82 -16.86
CA LYS B 207 0.55 28.78 -16.30
C LYS B 207 1.47 29.43 -17.32
N PRO B 208 1.95 28.67 -18.34
CA PRO B 208 2.80 29.32 -19.32
C PRO B 208 2.22 30.56 -20.00
N SER B 209 0.90 30.66 -20.13
CA SER B 209 0.28 31.82 -20.80
C SER B 209 -0.49 32.72 -19.85
N ASN B 210 -0.41 32.45 -18.54
CA ASN B 210 -1.18 33.22 -17.55
C ASN B 210 -2.70 33.10 -17.79
N THR B 211 -3.15 31.90 -18.17
CA THR B 211 -4.58 31.66 -18.45
C THR B 211 -5.24 30.75 -17.40
N LYS B 212 -6.15 31.32 -16.61
CA LYS B 212 -6.95 30.56 -15.62
C LYS B 212 -8.43 30.66 -15.97
N VAL B 213 -9.11 29.51 -16.03
CA VAL B 213 -10.52 29.47 -16.42
C VAL B 213 -11.26 28.49 -15.50
N ASP B 214 -12.41 28.92 -14.98
CA ASP B 214 -13.36 28.00 -14.36
C ASP B 214 -14.56 27.83 -15.30
N LYS B 215 -14.82 26.59 -15.71
CA LYS B 215 -15.94 26.33 -16.61
C LYS B 215 -17.02 25.46 -15.94
N LYS B 216 -18.20 26.02 -15.73
CA LYS B 216 -19.35 25.26 -15.22
C LYS B 216 -19.95 24.48 -16.39
N VAL B 217 -20.18 23.19 -16.16
CA VAL B 217 -20.70 22.29 -17.18
C VAL B 217 -22.03 21.71 -16.69
N GLU B 218 -23.09 21.90 -17.47
CA GLU B 218 -24.39 21.36 -17.13
C GLU B 218 -25.11 20.86 -18.38
N PRO B 219 -26.20 20.08 -18.22
CA PRO B 219 -26.95 19.62 -19.40
C PRO B 219 -27.39 20.81 -20.24
N LYS B 220 -27.32 20.68 -21.56
CA LYS B 220 -27.66 21.79 -22.46
C LYS B 220 -29.18 21.96 -22.54
N SER B 221 -29.63 23.20 -22.36
CA SER B 221 -31.05 23.54 -22.33
C SER B 221 -31.69 23.57 -23.73
N CYS B 222 -32.95 23.13 -23.79
CA CYS B 222 -33.72 23.11 -25.04
C CYS B 222 -34.88 24.09 -25.01
N ASP C 1 -4.30 -35.39 1.56
CA ASP C 1 -4.24 -34.04 2.17
C ASP C 1 -4.04 -32.95 1.13
N ILE C 2 -5.05 -32.09 0.99
CA ILE C 2 -4.99 -30.95 0.08
C ILE C 2 -4.12 -29.85 0.72
N VAL C 3 -3.01 -29.52 0.08
CA VAL C 3 -2.14 -28.44 0.55
C VAL C 3 -2.62 -27.11 -0.02
N MET C 4 -2.79 -26.11 0.85
CA MET C 4 -3.17 -24.76 0.44
C MET C 4 -1.97 -23.83 0.56
N THR C 5 -1.56 -23.24 -0.56
CA THR C 5 -0.42 -22.32 -0.56
C THR C 5 -0.86 -20.89 -0.91
N GLN C 6 -0.68 -19.98 0.04
CA GLN C 6 -1.01 -18.57 -0.15
C GLN C 6 0.20 -17.73 -0.59
N SER C 7 -0.06 -16.68 -1.36
CA SER C 7 0.98 -15.73 -1.77
C SER C 7 0.36 -14.34 -1.99
N PRO C 8 1.08 -13.28 -1.56
CA PRO C 8 2.36 -13.34 -0.86
C PRO C 8 2.15 -13.66 0.62
N ASP C 9 3.24 -13.76 1.40
CA ASP C 9 3.14 -13.95 2.85
C ASP C 9 2.62 -12.68 3.50
N SER C 10 3.13 -11.54 3.01
CA SER C 10 2.80 -10.24 3.53
C SER C 10 2.49 -9.33 2.35
N LEU C 11 1.50 -8.47 2.53
CA LEU C 11 1.12 -7.56 1.48
C LEU C 11 0.99 -6.16 2.04
N ALA C 12 1.77 -5.24 1.46
CA ALA C 12 1.72 -3.84 1.81
C ALA C 12 1.11 -3.10 0.63
N VAL C 13 0.02 -2.38 0.89
CA VAL C 13 -0.78 -1.72 -0.13
C VAL C 13 -1.30 -0.39 0.43
N SER C 14 -1.28 0.65 -0.41
CA SER C 14 -1.68 1.99 0.02
C SER C 14 -3.17 2.08 0.27
N LEU C 15 -3.56 3.05 1.10
CA LEU C 15 -4.94 3.26 1.50
C LEU C 15 -5.82 3.62 0.29
N GLY C 16 -6.91 2.87 0.12
CA GLY C 16 -7.83 3.07 -1.00
C GLY C 16 -7.46 2.32 -2.27
N GLU C 17 -6.29 1.65 -2.26
CA GLU C 17 -5.84 0.84 -3.40
C GLU C 17 -6.35 -0.61 -3.31
N ARG C 18 -6.08 -1.40 -4.35
CA ARG C 18 -6.58 -2.76 -4.44
C ARG C 18 -5.55 -3.78 -3.95
N ALA C 19 -6.00 -4.72 -3.12
CA ALA C 19 -5.15 -5.84 -2.68
C ALA C 19 -5.61 -7.14 -3.33
N THR C 20 -4.67 -7.87 -3.94
CA THR C 20 -5.00 -9.20 -4.42
C THR C 20 -4.14 -10.26 -3.73
N ILE C 21 -4.82 -11.27 -3.18
CA ILE C 21 -4.17 -12.34 -2.46
C ILE C 21 -4.48 -13.66 -3.16
N ASN C 22 -3.45 -14.45 -3.39
CA ASN C 22 -3.59 -15.73 -4.09
C ASN C 22 -3.57 -16.94 -3.16
N CYS C 23 -4.33 -17.96 -3.54
CA CYS C 23 -4.36 -19.23 -2.84
C CYS C 23 -4.40 -20.34 -3.88
N LYS C 24 -3.48 -21.30 -3.76
CA LYS C 24 -3.42 -22.44 -4.66
C LYS C 24 -3.62 -23.75 -3.90
N SER C 25 -4.59 -24.56 -4.34
CA SER C 25 -4.77 -25.90 -3.80
C SER C 25 -4.05 -26.93 -4.68
N SER C 26 -3.45 -27.94 -4.04
CA SER C 26 -2.69 -28.98 -4.76
C SER C 26 -3.60 -29.96 -5.51
N GLN C 27 -4.90 -29.89 -5.22
CA GLN C 27 -5.92 -30.69 -5.89
C GLN C 27 -7.15 -29.83 -6.14
N SER C 28 -7.87 -30.13 -7.21
CA SER C 28 -9.09 -29.39 -7.54
C SER C 28 -10.13 -29.50 -6.43
N VAL C 29 -10.74 -28.38 -6.08
CA VAL C 29 -11.82 -28.34 -5.09
C VAL C 29 -13.17 -28.02 -5.74
N LEU C 30 -13.22 -28.12 -7.07
CA LEU C 30 -14.46 -27.97 -7.83
C LEU C 30 -15.20 -29.31 -7.87
N TYR C 31 -16.46 -29.27 -7.46
CA TYR C 31 -17.29 -30.47 -7.41
C TYR C 31 -18.06 -30.61 -8.73
N SER C 32 -17.80 -31.70 -9.44
CA SER C 32 -18.42 -31.97 -10.75
C SER C 32 -19.95 -31.89 -10.71
N SER C 33 -20.54 -32.51 -9.69
CA SER C 33 -21.99 -32.56 -9.51
C SER C 33 -22.58 -31.20 -9.16
N ASN C 34 -21.83 -30.41 -8.39
CA ASN C 34 -22.27 -29.10 -7.89
C ASN C 34 -21.96 -27.92 -8.80
N ASN C 35 -20.87 -28.03 -9.55
CA ASN C 35 -20.21 -26.87 -10.17
C ASN C 35 -19.85 -25.80 -9.13
N LYS C 36 -19.58 -26.26 -7.91
CA LYS C 36 -19.22 -25.37 -6.80
C LYS C 36 -17.80 -25.65 -6.33
N ASN C 37 -17.06 -24.59 -6.06
CA ASN C 37 -15.72 -24.69 -5.49
C ASN C 37 -15.83 -24.64 -3.97
N TYR C 38 -15.27 -25.66 -3.32
CA TYR C 38 -15.32 -25.75 -1.87
C TYR C 38 -14.11 -25.00 -1.29
N LEU C 39 -14.23 -23.68 -1.32
CA LEU C 39 -13.16 -22.75 -0.96
C LEU C 39 -13.76 -21.62 -0.13
N ALA C 40 -13.16 -21.36 1.03
CA ALA C 40 -13.61 -20.27 1.88
C ALA C 40 -12.47 -19.28 2.13
N TRP C 41 -12.82 -18.02 2.39
CA TRP C 41 -11.84 -17.01 2.81
C TRP C 41 -12.25 -16.44 4.16
N TYR C 42 -11.26 -16.34 5.05
CA TYR C 42 -11.44 -15.80 6.40
C TYR C 42 -10.54 -14.61 6.65
N GLN C 43 -11.05 -13.67 7.43
CA GLN C 43 -10.29 -12.53 7.92
C GLN C 43 -10.06 -12.73 9.41
N GLN C 44 -8.80 -12.58 9.86
CA GLN C 44 -8.52 -12.60 11.30
C GLN C 44 -7.78 -11.34 11.74
N LYS C 45 -8.49 -10.51 12.50
CA LYS C 45 -7.94 -9.30 13.07
C LYS C 45 -7.21 -9.63 14.38
N PRO C 46 -6.23 -8.79 14.77
CA PRO C 46 -5.49 -8.98 16.02
C PRO C 46 -6.42 -9.23 17.23
N GLY C 47 -6.18 -10.34 17.92
CA GLY C 47 -6.92 -10.67 19.15
C GLY C 47 -8.36 -11.15 18.96
N GLN C 48 -8.70 -11.53 17.72
CA GLN C 48 -10.07 -11.97 17.40
C GLN C 48 -10.02 -13.34 16.70
N PRO C 49 -11.15 -14.09 16.75
CA PRO C 49 -11.23 -15.31 15.94
C PRO C 49 -11.31 -15.00 14.44
N PRO C 50 -10.99 -15.97 13.58
CA PRO C 50 -11.33 -15.79 12.16
C PRO C 50 -12.81 -15.45 11.95
N LYS C 51 -13.06 -14.63 10.92
CA LYS C 51 -14.39 -14.24 10.49
C LYS C 51 -14.55 -14.67 9.03
N LEU C 52 -15.69 -15.28 8.70
CA LEU C 52 -15.93 -15.72 7.32
C LEU C 52 -16.24 -14.52 6.42
N LEU C 53 -15.54 -14.45 5.29
CA LEU C 53 -15.81 -13.42 4.30
C LEU C 53 -16.56 -14.01 3.11
N ILE C 54 -16.05 -15.13 2.62
CA ILE C 54 -16.46 -15.69 1.35
C ILE C 54 -16.52 -17.21 1.42
N TYR C 55 -17.61 -17.78 0.89
CA TYR C 55 -17.73 -19.24 0.68
C TYR C 55 -18.11 -19.51 -0.78
N TRP C 56 -18.00 -20.77 -1.21
CA TRP C 56 -18.21 -21.17 -2.60
C TRP C 56 -17.26 -20.41 -3.54
N ALA C 57 -16.04 -20.15 -3.08
CA ALA C 57 -15.02 -19.36 -3.80
C ALA C 57 -15.40 -17.91 -4.11
N SER C 58 -16.67 -17.65 -4.44
CA SER C 58 -17.08 -16.33 -4.89
C SER C 58 -18.29 -15.74 -4.19
N THR C 59 -18.92 -16.49 -3.29
CA THR C 59 -20.12 -15.98 -2.61
C THR C 59 -19.78 -15.25 -1.30
N ARG C 60 -20.10 -13.96 -1.28
CA ARG C 60 -19.85 -13.10 -0.14
C ARG C 60 -20.85 -13.40 0.98
N GLU C 61 -20.34 -13.47 2.21
CA GLU C 61 -21.17 -13.71 3.40
C GLU C 61 -21.96 -12.48 3.80
N SER C 62 -23.16 -12.72 4.31
CA SER C 62 -24.05 -11.66 4.78
C SER C 62 -23.35 -10.77 5.81
N GLY C 63 -23.37 -9.47 5.58
CA GLY C 63 -22.71 -8.51 6.48
C GLY C 63 -21.31 -8.08 6.05
N VAL C 64 -20.67 -8.89 5.20
CA VAL C 64 -19.33 -8.57 4.70
C VAL C 64 -19.42 -7.42 3.68
N PRO C 65 -18.64 -6.33 3.89
CA PRO C 65 -18.58 -5.19 2.96
C PRO C 65 -18.33 -5.60 1.52
N ASP C 66 -18.92 -4.86 0.58
CA ASP C 66 -18.85 -5.14 -0.85
C ASP C 66 -17.43 -5.21 -1.43
N ARG C 67 -16.50 -4.48 -0.80
CA ARG C 67 -15.11 -4.40 -1.26
C ARG C 67 -14.36 -5.75 -1.29
N PHE C 68 -14.83 -6.70 -0.48
CA PHE C 68 -14.27 -8.06 -0.45
C PHE C 68 -14.96 -8.89 -1.51
N SER C 69 -14.17 -9.45 -2.41
CA SER C 69 -14.71 -10.37 -3.40
C SER C 69 -13.74 -11.53 -3.62
N GLY C 70 -14.29 -12.67 -3.99
CA GLY C 70 -13.49 -13.85 -4.28
C GLY C 70 -13.76 -14.30 -5.70
N SER C 71 -12.73 -14.88 -6.33
CA SER C 71 -12.85 -15.41 -7.67
C SER C 71 -11.90 -16.57 -7.82
N GLY C 72 -11.97 -17.22 -8.98
CA GLY C 72 -11.10 -18.34 -9.31
C GLY C 72 -11.86 -19.66 -9.38
N SER C 73 -11.17 -20.70 -9.81
CA SER C 73 -11.80 -22.01 -9.99
C SER C 73 -10.77 -23.13 -9.91
N GLY C 74 -11.21 -24.29 -9.42
CA GLY C 74 -10.41 -25.50 -9.46
C GLY C 74 -9.27 -25.54 -8.46
N THR C 75 -8.14 -24.91 -8.81
CA THR C 75 -6.93 -24.92 -7.97
C THR C 75 -6.32 -23.53 -7.75
N ASP C 76 -6.83 -22.53 -8.47
CA ASP C 76 -6.27 -21.18 -8.43
C ASP C 76 -7.35 -20.19 -8.00
N PHE C 77 -7.13 -19.53 -6.86
CA PHE C 77 -8.15 -18.67 -6.26
C PHE C 77 -7.57 -17.31 -5.85
N THR C 78 -8.44 -16.31 -5.80
CA THR C 78 -8.03 -14.95 -5.49
C THR C 78 -9.05 -14.30 -4.56
N LEU C 79 -8.52 -13.64 -3.53
CA LEU C 79 -9.30 -12.74 -2.69
C LEU C 79 -8.88 -11.34 -3.12
N THR C 80 -9.87 -10.51 -3.40
CA THR C 80 -9.63 -9.12 -3.77
C THR C 80 -10.26 -8.19 -2.76
N ILE C 81 -9.49 -7.23 -2.29
CA ILE C 81 -10.04 -6.11 -1.51
C ILE C 81 -9.96 -4.92 -2.46
N SER C 82 -11.11 -4.55 -3.01
CA SER C 82 -11.16 -3.62 -4.14
C SER C 82 -10.55 -2.28 -3.77
N SER C 83 -10.86 -1.81 -2.56
CA SER C 83 -10.37 -0.54 -2.06
C SER C 83 -10.09 -0.61 -0.57
N LEU C 84 -8.82 -0.87 -0.23
CA LEU C 84 -8.37 -1.13 1.12
C LEU C 84 -8.69 0.02 2.06
N GLN C 85 -9.25 -0.30 3.22
CA GLN C 85 -9.55 0.68 4.26
C GLN C 85 -8.64 0.43 5.46
N ALA C 86 -8.53 1.41 6.35
CA ALA C 86 -7.66 1.30 7.53
C ALA C 86 -7.98 0.10 8.43
N GLU C 87 -9.26 -0.23 8.55
CA GLU C 87 -9.73 -1.33 9.39
C GLU C 87 -9.40 -2.72 8.82
N ASP C 88 -8.95 -2.78 7.57
CA ASP C 88 -8.74 -4.07 6.89
C ASP C 88 -7.45 -4.77 7.27
N VAL C 89 -6.63 -4.12 8.09
CA VAL C 89 -5.42 -4.74 8.65
C VAL C 89 -5.83 -6.03 9.34
N ALA C 90 -5.27 -7.14 8.85
CA ALA C 90 -5.62 -8.48 9.31
C ALA C 90 -4.72 -9.49 8.62
N VAL C 91 -4.79 -10.74 9.07
CA VAL C 91 -4.27 -11.85 8.33
C VAL C 91 -5.46 -12.52 7.62
N TYR C 92 -5.29 -12.81 6.34
CA TYR C 92 -6.33 -13.44 5.55
C TYR C 92 -5.95 -14.88 5.24
N TYR C 93 -6.91 -15.80 5.44
CA TYR C 93 -6.69 -17.23 5.24
C TYR C 93 -7.65 -17.81 4.22
N CYS C 94 -7.13 -18.64 3.33
CA CYS C 94 -8.01 -19.47 2.53
C CYS C 94 -8.14 -20.84 3.21
N GLN C 95 -9.23 -21.54 2.92
CA GLN C 95 -9.50 -22.86 3.46
C GLN C 95 -10.29 -23.67 2.45
N GLN C 96 -9.83 -24.88 2.14
CA GLN C 96 -10.68 -25.83 1.43
C GLN C 96 -11.56 -26.65 2.39
N TYR C 97 -12.79 -26.94 1.97
CA TYR C 97 -13.67 -27.86 2.69
C TYR C 97 -14.27 -28.89 1.74
N TYR C 98 -13.45 -29.31 0.78
CA TYR C 98 -13.82 -30.30 -0.22
C TYR C 98 -13.64 -31.72 0.33
N SER C 99 -12.69 -31.88 1.25
CA SER C 99 -12.47 -33.15 1.94
C SER C 99 -11.79 -32.96 3.28
N THR C 100 -11.99 -33.91 4.19
CA THR C 100 -11.26 -33.95 5.47
C THR C 100 -9.85 -34.51 5.23
N PRO C 101 -8.83 -33.97 5.91
CA PRO C 101 -8.89 -32.88 6.89
C PRO C 101 -9.06 -31.50 6.24
N LEU C 102 -9.99 -30.70 6.75
CA LEU C 102 -10.10 -29.31 6.33
C LEU C 102 -8.74 -28.66 6.52
N THR C 103 -8.24 -28.00 5.48
CA THR C 103 -6.89 -27.45 5.51
C THR C 103 -6.89 -25.97 5.13
N PHE C 104 -6.02 -25.22 5.81
CA PHE C 104 -5.92 -23.77 5.66
C PHE C 104 -4.62 -23.39 4.92
N GLY C 105 -4.67 -22.28 4.20
CA GLY C 105 -3.43 -21.64 3.75
C GLY C 105 -2.69 -21.10 4.97
N GLN C 106 -1.43 -20.71 4.76
CA GLN C 106 -0.57 -20.25 5.86
C GLN C 106 -0.86 -18.81 6.29
N GLY C 107 -1.70 -18.11 5.54
CA GLY C 107 -2.12 -16.74 5.88
C GLY C 107 -1.36 -15.66 5.11
N THR C 108 -2.05 -14.58 4.81
CA THR C 108 -1.42 -13.40 4.20
C THR C 108 -1.73 -12.21 5.08
N LYS C 109 -0.67 -11.60 5.63
CA LYS C 109 -0.83 -10.41 6.47
C LYS C 109 -0.91 -9.17 5.59
N VAL C 110 -1.99 -8.42 5.73
CA VAL C 110 -2.20 -7.23 4.94
C VAL C 110 -1.89 -6.02 5.79
N GLU C 111 -0.93 -5.24 5.31
CA GLU C 111 -0.47 -4.05 5.99
C GLU C 111 -0.78 -2.84 5.12
N ILE C 112 -1.24 -1.76 5.75
CA ILE C 112 -1.56 -0.52 5.05
C ILE C 112 -0.35 0.41 4.95
N LYS C 113 -0.02 0.80 3.72
CA LYS C 113 0.98 1.83 3.46
C LYS C 113 0.33 3.21 3.59
N ARG C 114 0.84 4.01 4.52
CA ARG C 114 0.35 5.36 4.75
C ARG C 114 1.50 6.37 4.72
N THR C 115 1.22 7.62 5.05
CA THR C 115 2.24 8.68 5.10
C THR C 115 3.20 8.43 6.26
N VAL C 116 4.49 8.67 6.01
CA VAL C 116 5.54 8.49 7.02
C VAL C 116 5.28 9.41 8.23
N ALA C 117 5.17 8.79 9.41
CA ALA C 117 4.92 9.53 10.65
C ALA C 117 6.00 9.28 11.69
N ALA C 118 6.47 10.36 12.32
CA ALA C 118 7.54 10.30 13.30
C ALA C 118 7.03 9.79 14.65
N PRO C 119 7.81 8.92 15.32
CA PRO C 119 7.47 8.44 16.66
C PRO C 119 7.64 9.49 17.75
N SER C 120 6.62 9.66 18.60
CA SER C 120 6.79 10.40 19.85
C SER C 120 7.52 9.50 20.86
N VAL C 121 8.71 9.93 21.27
CA VAL C 121 9.53 9.15 22.20
C VAL C 121 9.31 9.59 23.66
N PHE C 122 9.35 8.61 24.57
CA PHE C 122 9.20 8.82 26.02
C PHE C 122 10.14 7.84 26.74
N ILE C 123 10.74 8.26 27.86
CA ILE C 123 11.55 7.35 28.68
C ILE C 123 11.00 7.25 30.11
N PHE C 124 10.99 6.03 30.65
CA PHE C 124 10.51 5.77 32.02
C PHE C 124 11.61 5.12 32.86
N PRO C 125 11.96 5.72 34.00
CA PRO C 125 12.90 5.10 34.93
C PRO C 125 12.21 3.94 35.67
N PRO C 126 12.99 3.04 36.30
CA PRO C 126 12.36 2.01 37.13
C PRO C 126 11.65 2.63 38.33
N SER C 127 10.52 2.06 38.73
CA SER C 127 9.79 2.53 39.90
C SER C 127 10.61 2.23 41.15
N ASP C 128 10.31 2.94 42.23
CA ASP C 128 10.99 2.70 43.50
C ASP C 128 10.69 1.30 44.03
N GLU C 129 9.42 0.87 43.94
CA GLU C 129 9.03 -0.45 44.43
C GLU C 129 9.69 -1.63 43.71
N GLN C 130 9.97 -1.50 42.41
CA GLN C 130 10.74 -2.53 41.70
C GLN C 130 12.20 -2.56 42.18
N LEU C 131 12.78 -1.38 42.38
CA LEU C 131 14.15 -1.27 42.87
C LEU C 131 14.35 -1.96 44.21
N LYS C 132 13.35 -1.86 45.09
CA LYS C 132 13.35 -2.55 46.38
C LYS C 132 13.43 -4.07 46.26
N SER C 133 13.15 -4.61 45.07
CA SER C 133 13.18 -6.06 44.84
C SER C 133 14.39 -6.54 44.03
N GLY C 134 15.32 -5.62 43.74
CA GLY C 134 16.63 -5.99 43.19
C GLY C 134 16.81 -5.94 41.68
N THR C 135 15.76 -5.54 40.96
CA THR C 135 15.84 -5.38 39.50
C THR C 135 15.41 -3.98 39.06
N ALA C 136 16.01 -3.51 37.97
CA ALA C 136 15.65 -2.23 37.37
C ALA C 136 15.26 -2.40 35.90
N SER C 137 14.01 -2.13 35.61
CA SER C 137 13.52 -2.10 34.24
C SER C 137 13.40 -0.65 33.79
N VAL C 138 14.12 -0.31 32.72
CA VAL C 138 13.99 1.01 32.11
C VAL C 138 13.25 0.87 30.78
N VAL C 139 12.18 1.65 30.60
CA VAL C 139 11.32 1.51 29.44
C VAL C 139 11.34 2.74 28.52
N CYS C 140 11.54 2.49 27.23
CA CYS C 140 11.43 3.51 26.20
C CYS C 140 10.22 3.22 25.32
N LEU C 141 9.38 4.23 25.12
CA LEU C 141 8.19 4.11 24.29
C LEU C 141 8.30 4.95 23.00
N LEU C 142 8.21 4.27 21.87
CA LEU C 142 8.08 4.91 20.57
C LEU C 142 6.61 4.85 20.15
N ASN C 143 5.92 5.98 20.21
CA ASN C 143 4.49 6.00 19.96
C ASN C 143 4.09 6.45 18.55
N ASN C 144 3.10 5.76 17.98
CA ASN C 144 2.42 6.16 16.73
C ASN C 144 3.33 6.56 15.57
N PHE C 145 3.93 5.57 14.92
CA PHE C 145 4.84 5.83 13.81
C PHE C 145 4.62 4.91 12.61
N TYR C 146 5.08 5.34 11.45
CA TYR C 146 5.11 4.51 10.24
C TYR C 146 6.34 4.90 9.39
N PRO C 147 7.03 3.91 8.79
CA PRO C 147 6.82 2.45 8.82
C PRO C 147 7.28 1.77 10.12
N ARG C 148 7.11 0.46 10.20
CA ARG C 148 7.41 -0.31 11.40
C ARG C 148 8.91 -0.30 11.72
N GLU C 149 9.72 -0.30 10.67
CA GLU C 149 11.18 -0.26 10.78
C GLU C 149 11.64 0.90 11.66
N ALA C 150 12.46 0.57 12.66
CA ALA C 150 12.99 1.55 13.61
C ALA C 150 14.15 0.96 14.41
N LYS C 151 15.06 1.82 14.85
CA LYS C 151 16.19 1.39 15.68
C LYS C 151 16.16 2.11 17.02
N VAL C 152 16.26 1.32 18.09
CA VAL C 152 16.33 1.85 19.44
C VAL C 152 17.71 1.49 20.01
N GLN C 153 18.44 2.52 20.43
CA GLN C 153 19.75 2.31 21.04
C GLN C 153 19.72 2.80 22.49
N TRP C 154 20.15 1.92 23.39
CA TRP C 154 20.30 2.28 24.80
C TRP C 154 21.74 2.75 25.08
N LYS C 155 21.83 3.89 25.76
CA LYS C 155 23.13 4.44 26.17
C LYS C 155 23.14 4.63 27.68
N VAL C 156 24.09 3.97 28.34
CA VAL C 156 24.28 4.11 29.78
C VAL C 156 25.65 4.76 30.03
N ASP C 157 25.61 6.02 30.48
CA ASP C 157 26.80 6.89 30.54
C ASP C 157 27.54 6.93 29.20
N ASN C 158 26.78 7.23 28.15
CA ASN C 158 27.29 7.35 26.78
C ASN C 158 27.89 6.06 26.18
N ALA C 159 27.78 4.96 26.93
CA ALA C 159 28.23 3.65 26.47
C ALA C 159 27.08 2.87 25.81
N LEU C 160 27.34 2.37 24.61
CA LEU C 160 26.33 1.66 23.82
C LEU C 160 26.00 0.30 24.43
N GLN C 161 24.73 0.12 24.79
CA GLN C 161 24.25 -1.13 25.40
C GLN C 161 23.95 -2.18 24.34
N SER C 162 24.21 -3.43 24.69
CA SER C 162 23.98 -4.55 23.78
C SER C 162 23.62 -5.81 24.56
N GLY C 163 22.65 -6.55 24.03
CA GLY C 163 22.24 -7.85 24.60
C GLY C 163 21.44 -7.84 25.89
N ASN C 164 21.03 -6.64 26.32
CA ASN C 164 20.32 -6.49 27.60
C ASN C 164 19.00 -5.71 27.51
N SER C 165 18.46 -5.59 26.30
CA SER C 165 17.14 -5.00 26.11
C SER C 165 16.22 -5.90 25.28
N GLN C 166 14.92 -5.70 25.44
CA GLN C 166 13.92 -6.43 24.67
C GLN C 166 12.84 -5.51 24.12
N GLU C 167 12.37 -5.83 22.91
CA GLU C 167 11.39 -5.00 22.21
C GLU C 167 10.05 -5.70 22.04
N SER C 168 8.98 -4.90 22.11
CA SER C 168 7.62 -5.32 21.74
C SER C 168 6.95 -4.28 20.86
N VAL C 169 6.34 -4.73 19.76
CA VAL C 169 5.63 -3.84 18.84
C VAL C 169 4.14 -4.21 18.74
N THR C 170 3.29 -3.21 18.77
CA THR C 170 1.86 -3.42 18.53
C THR C 170 1.60 -3.82 17.07
N GLU C 171 0.42 -4.39 16.84
CA GLU C 171 -0.10 -4.58 15.50
C GLU C 171 -0.54 -3.22 14.96
N GLN C 172 -0.42 -3.03 13.65
CA GLN C 172 -0.82 -1.78 13.01
C GLN C 172 -2.21 -1.34 13.46
N ASP C 173 -2.33 -0.07 13.83
CA ASP C 173 -3.56 0.51 14.34
C ASP C 173 -4.64 0.55 13.27
N SER C 174 -5.87 0.20 13.69
CA SER C 174 -7.03 0.09 12.82
C SER C 174 -7.56 1.43 12.31
N LYS C 175 -7.14 2.51 12.95
CA LYS C 175 -7.67 3.84 12.67
C LYS C 175 -6.64 4.74 12.00
N ASP C 176 -5.44 4.86 12.57
CA ASP C 176 -4.39 5.75 12.04
C ASP C 176 -3.26 5.04 11.33
N SER C 177 -3.32 3.70 11.28
CA SER C 177 -2.37 2.86 10.54
C SER C 177 -0.92 2.93 11.01
N THR C 178 -0.71 3.35 12.26
CA THR C 178 0.64 3.43 12.84
C THR C 178 0.96 2.26 13.75
N TYR C 179 2.24 2.12 14.09
CA TYR C 179 2.70 1.16 15.08
C TYR C 179 3.15 1.91 16.33
N SER C 180 3.23 1.20 17.45
CA SER C 180 3.93 1.70 18.62
C SER C 180 4.88 0.60 19.08
N LEU C 181 5.98 1.00 19.72
CA LEU C 181 7.04 0.09 20.13
C LEU C 181 7.51 0.42 21.53
N SER C 182 7.78 -0.61 22.32
CA SER C 182 8.36 -0.43 23.64
C SER C 182 9.70 -1.15 23.66
N SER C 183 10.69 -0.51 24.26
CA SER C 183 11.97 -1.14 24.49
C SER C 183 12.18 -1.14 25.99
N THR C 184 12.63 -2.28 26.51
CA THR C 184 12.83 -2.44 27.94
C THR C 184 14.27 -2.85 28.21
N LEU C 185 14.98 -2.00 28.95
CA LEU C 185 16.34 -2.28 29.38
C LEU C 185 16.28 -2.86 30.79
N THR C 186 16.81 -4.06 30.96
CA THR C 186 16.80 -4.73 32.25
C THR C 186 18.23 -4.87 32.78
N LEU C 187 18.45 -4.31 33.96
CA LEU C 187 19.75 -4.40 34.66
C LEU C 187 19.48 -4.78 36.11
N SER C 188 20.45 -5.40 36.76
CA SER C 188 20.38 -5.63 38.20
C SER C 188 20.45 -4.28 38.90
N LYS C 189 19.85 -4.19 40.09
CA LYS C 189 19.87 -2.95 40.88
C LYS C 189 21.31 -2.46 41.10
N ALA C 190 22.23 -3.40 41.38
CA ALA C 190 23.64 -3.10 41.57
C ALA C 190 24.29 -2.44 40.35
N ASP C 191 23.99 -2.98 39.16
CA ASP C 191 24.46 -2.40 37.91
C ASP C 191 23.78 -1.07 37.58
N TYR C 192 22.51 -0.94 37.99
CA TYR C 192 21.75 0.29 37.77
C TYR C 192 22.32 1.43 38.61
N GLU C 193 22.67 1.14 39.86
CA GLU C 193 23.18 2.17 40.78
C GLU C 193 24.67 2.49 40.62
N LYS C 194 25.33 1.80 39.71
CA LYS C 194 26.73 2.08 39.36
C LYS C 194 26.86 3.11 38.24
N HIS C 195 25.72 3.66 37.80
CA HIS C 195 25.70 4.54 36.61
C HIS C 195 24.75 5.74 36.75
N LYS C 196 24.95 6.76 35.90
CA LYS C 196 24.27 8.04 36.06
C LYS C 196 23.27 8.40 34.94
N VAL C 197 23.73 8.39 33.69
CA VAL C 197 22.89 8.84 32.56
C VAL C 197 22.27 7.66 31.78
N TYR C 198 20.95 7.66 31.70
CA TYR C 198 20.22 6.61 31.00
C TYR C 198 19.50 7.17 29.76
N ALA C 199 19.96 6.71 28.60
CA ALA C 199 19.53 7.31 27.33
C ALA C 199 18.99 6.29 26.34
N CYS C 200 17.89 6.68 25.70
CA CYS C 200 17.27 5.94 24.62
C CYS C 200 17.31 6.75 23.33
N GLU C 201 18.02 6.26 22.32
CA GLU C 201 18.18 6.98 21.06
C GLU C 201 17.46 6.25 19.91
N VAL C 202 16.66 7.02 19.17
CA VAL C 202 15.72 6.49 18.18
C VAL C 202 16.03 6.98 16.75
N THR C 203 16.27 6.03 15.84
CA THR C 203 16.38 6.33 14.41
C THR C 203 15.10 5.93 13.68
N HIS C 204 14.48 6.90 12.99
CA HIS C 204 13.27 6.67 12.19
C HIS C 204 13.21 7.63 10.99
N GLN C 205 12.68 7.13 9.87
CA GLN C 205 12.49 7.92 8.63
C GLN C 205 11.78 9.25 8.86
N GLY C 206 10.85 9.27 9.82
CA GLY C 206 10.10 10.48 10.16
C GLY C 206 10.90 11.49 10.96
N LEU C 207 12.10 11.10 11.40
CA LEU C 207 13.00 11.96 12.16
C LEU C 207 14.21 12.32 11.31
N SER C 208 14.35 13.61 11.01
CA SER C 208 15.51 14.10 10.24
C SER C 208 16.81 13.93 11.02
N SER C 209 16.72 14.08 12.34
CA SER C 209 17.85 13.89 13.26
C SER C 209 17.46 12.88 14.35
N PRO C 210 18.25 11.78 14.49
CA PRO C 210 18.06 10.79 15.56
C PRO C 210 17.76 11.44 16.92
N VAL C 211 16.67 11.00 17.55
CA VAL C 211 16.18 11.60 18.79
C VAL C 211 16.64 10.83 20.03
N THR C 212 17.14 11.57 21.02
CA THR C 212 17.56 10.99 22.29
C THR C 212 16.66 11.48 23.42
N LYS C 213 16.12 10.53 24.19
CA LYS C 213 15.45 10.83 25.45
C LYS C 213 16.24 10.19 26.58
N SER C 214 16.50 10.97 27.63
CA SER C 214 17.37 10.51 28.72
C SER C 214 16.93 10.98 30.10
N PHE C 215 17.56 10.39 31.12
CA PHE C 215 17.41 10.85 32.50
C PHE C 215 18.66 10.53 33.33
N ASN C 216 18.78 11.19 34.47
CA ASN C 216 19.83 10.89 35.45
C ASN C 216 19.24 10.19 36.67
N ARG C 217 19.89 9.12 37.10
CA ARG C 217 19.40 8.26 38.18
C ARG C 217 19.14 9.04 39.49
N GLY C 218 17.87 9.17 39.85
CA GLY C 218 17.46 9.90 41.03
C GLY C 218 17.52 11.41 40.85
N GLU D 1 -28.56 -13.69 19.18
CA GLU D 1 -27.42 -13.89 18.23
C GLU D 1 -26.69 -15.20 18.49
N VAL D 2 -26.06 -15.75 17.45
CA VAL D 2 -25.22 -16.94 17.58
C VAL D 2 -24.03 -16.65 18.48
N GLN D 3 -23.79 -17.55 19.45
CA GLN D 3 -22.73 -17.36 20.43
C GLN D 3 -22.14 -18.69 20.88
N LEU D 4 -20.81 -18.78 20.85
CA LEU D 4 -20.06 -19.96 21.27
C LEU D 4 -19.04 -19.58 22.35
N LEU D 5 -19.17 -20.18 23.53
CA LEU D 5 -18.30 -19.86 24.65
C LEU D 5 -17.45 -21.06 25.06
N GLU D 6 -16.14 -20.97 24.79
CA GLU D 6 -15.21 -22.03 25.13
C GLU D 6 -14.84 -21.97 26.60
N SER D 7 -14.58 -23.14 27.18
CA SER D 7 -14.19 -23.29 28.59
C SER D 7 -13.24 -24.47 28.74
N GLY D 8 -12.51 -24.51 29.85
CA GLY D 8 -11.70 -25.68 30.20
C GLY D 8 -10.23 -25.63 29.82
N GLY D 9 -9.82 -24.54 29.17
CA GLY D 9 -8.43 -24.39 28.75
C GLY D 9 -7.58 -23.81 29.87
N GLY D 10 -6.31 -24.17 29.86
CA GLY D 10 -5.38 -23.65 30.87
C GLY D 10 -4.07 -24.38 30.80
N LEU D 11 -3.29 -24.26 31.87
CA LEU D 11 -1.96 -24.87 31.96
C LEU D 11 -2.07 -26.34 32.36
N VAL D 12 -1.36 -27.20 31.63
CA VAL D 12 -1.40 -28.63 31.89
C VAL D 12 -0.02 -29.23 31.62
N GLN D 13 0.37 -30.23 32.42
CA GLN D 13 1.68 -30.88 32.26
C GLN D 13 1.75 -31.66 30.96
N PRO D 14 2.93 -31.71 30.32
CA PRO D 14 3.15 -32.65 29.21
C PRO D 14 2.78 -34.06 29.64
N GLY D 15 2.14 -34.80 28.73
CA GLY D 15 1.60 -36.12 29.04
C GLY D 15 0.28 -36.06 29.77
N GLY D 16 -0.17 -34.86 30.15
CA GLY D 16 -1.40 -34.70 30.91
C GLY D 16 -2.64 -34.70 30.05
N SER D 17 -3.79 -34.43 30.67
CA SER D 17 -5.07 -34.37 29.95
C SER D 17 -5.95 -33.21 30.37
N LEU D 18 -6.84 -32.80 29.47
CA LEU D 18 -7.75 -31.67 29.70
C LEU D 18 -9.00 -31.86 28.85
N ARG D 19 -10.14 -31.44 29.38
CA ARG D 19 -11.39 -31.42 28.61
C ARG D 19 -11.87 -30.01 28.31
N LEU D 20 -11.98 -29.70 27.02
CA LEU D 20 -12.57 -28.45 26.57
C LEU D 20 -14.06 -28.63 26.34
N SER D 21 -14.83 -27.61 26.70
CA SER D 21 -16.25 -27.59 26.40
C SER D 21 -16.62 -26.25 25.73
N CYS D 22 -17.75 -26.24 25.03
CA CYS D 22 -18.21 -25.05 24.33
C CYS D 22 -19.72 -24.88 24.47
N ALA D 23 -20.14 -23.75 25.03
CA ALA D 23 -21.55 -23.46 25.28
C ALA D 23 -22.17 -22.69 24.11
N ALA D 24 -23.07 -23.37 23.38
CA ALA D 24 -23.74 -22.80 22.21
C ALA D 24 -25.12 -22.22 22.57
N SER D 25 -25.36 -20.97 22.17
CA SER D 25 -26.65 -20.33 22.39
C SER D 25 -27.04 -19.34 21.28
N GLY D 26 -28.34 -19.16 21.08
CA GLY D 26 -28.87 -18.26 20.04
C GLY D 26 -29.10 -18.91 18.68
N PHE D 27 -29.03 -20.25 18.64
CA PHE D 27 -29.31 -21.01 17.42
C PHE D 27 -29.65 -22.47 17.74
N THR D 28 -30.22 -23.17 16.76
CA THR D 28 -30.65 -24.56 16.94
C THR D 28 -29.46 -25.51 16.85
N PHE D 29 -28.75 -25.64 17.98
CA PHE D 29 -27.45 -26.33 18.08
C PHE D 29 -27.42 -27.74 17.47
N SER D 30 -28.46 -28.54 17.75
CA SER D 30 -28.55 -29.91 17.25
C SER D 30 -28.60 -30.00 15.71
N SER D 31 -29.03 -28.92 15.06
CA SER D 31 -29.17 -28.89 13.60
C SER D 31 -27.83 -28.76 12.84
N TYR D 32 -26.85 -28.11 13.46
CA TYR D 32 -25.55 -27.82 12.82
C TYR D 32 -24.43 -28.72 13.33
N ALA D 33 -23.61 -29.22 12.41
CA ALA D 33 -22.37 -29.91 12.76
C ALA D 33 -21.36 -28.91 13.34
N MET D 34 -20.48 -29.35 14.24
CA MET D 34 -19.54 -28.44 14.92
C MET D 34 -18.10 -28.90 14.78
N SER D 35 -17.16 -28.02 15.18
CA SER D 35 -15.74 -28.25 14.91
C SER D 35 -14.82 -27.61 15.96
N TRP D 36 -13.61 -28.17 16.10
CA TRP D 36 -12.53 -27.55 16.85
C TRP D 36 -11.40 -27.19 15.89
N VAL D 37 -10.97 -25.94 15.95
CA VAL D 37 -9.78 -25.50 15.20
C VAL D 37 -8.85 -24.81 16.19
N ARG D 38 -7.55 -25.03 16.04
CA ARG D 38 -6.54 -24.52 17.00
C ARG D 38 -5.53 -23.59 16.32
N GLN D 39 -5.01 -22.65 17.08
CA GLN D 39 -3.99 -21.74 16.58
C GLN D 39 -2.84 -21.64 17.58
N ALA D 40 -1.69 -22.20 17.24
CA ALA D 40 -0.48 -22.07 18.06
C ALA D 40 -0.07 -20.60 18.08
N PRO D 41 0.51 -20.12 19.20
CA PRO D 41 0.83 -18.69 19.32
C PRO D 41 1.70 -18.19 18.15
N GLY D 42 1.32 -17.07 17.54
CA GLY D 42 2.03 -16.51 16.39
C GLY D 42 1.94 -17.29 15.09
N LYS D 43 1.16 -18.37 15.07
CA LYS D 43 1.05 -19.25 13.91
C LYS D 43 -0.34 -19.29 13.25
N GLY D 44 -0.49 -20.18 12.27
CA GLY D 44 -1.72 -20.25 11.49
C GLY D 44 -2.80 -21.12 12.09
N LEU D 45 -3.79 -21.45 11.28
CA LEU D 45 -4.94 -22.23 11.73
C LEU D 45 -4.76 -23.69 11.38
N GLU D 46 -5.12 -24.56 12.32
CA GLU D 46 -5.06 -26.00 12.10
C GLU D 46 -6.36 -26.63 12.55
N TRP D 47 -7.05 -27.27 11.61
CA TRP D 47 -8.26 -27.99 11.92
C TRP D 47 -7.91 -29.21 12.79
N VAL D 48 -8.68 -29.40 13.86
CA VAL D 48 -8.40 -30.45 14.84
C VAL D 48 -9.37 -31.61 14.66
N SER D 49 -10.66 -31.30 14.79
CA SER D 49 -11.72 -32.31 14.81
C SER D 49 -13.07 -31.73 14.38
N ALA D 50 -13.96 -32.62 13.93
CA ALA D 50 -15.35 -32.26 13.60
C ALA D 50 -16.31 -33.39 13.94
N ILE D 51 -17.52 -33.02 14.35
CA ILE D 51 -18.55 -33.99 14.72
C ILE D 51 -19.87 -33.67 13.98
N SER D 52 -20.53 -34.72 13.48
CA SER D 52 -21.84 -34.58 12.83
C SER D 52 -22.83 -34.02 13.84
N GLY D 53 -23.94 -33.48 13.39
CA GLY D 53 -24.90 -32.87 14.30
C GLY D 53 -25.67 -33.82 15.22
N SER D 54 -25.18 -35.04 15.36
CA SER D 54 -25.89 -36.11 16.04
C SER D 54 -24.92 -36.91 16.88
N GLY D 55 -23.71 -37.05 16.38
CA GLY D 55 -22.66 -37.70 17.12
C GLY D 55 -22.16 -38.90 16.37
N GLY D 56 -22.98 -39.38 15.46
CA GLY D 56 -22.69 -40.63 14.80
C GLY D 56 -21.36 -40.68 14.12
N SER D 57 -20.97 -39.52 13.62
CA SER D 57 -19.78 -39.45 12.84
C SER D 57 -18.85 -38.38 13.44
N THR D 58 -17.58 -38.71 13.45
CA THR D 58 -16.53 -37.85 14.01
C THR D 58 -15.26 -37.99 13.18
N TYR D 59 -14.53 -36.88 13.04
CA TYR D 59 -13.31 -36.85 12.24
C TYR D 59 -12.18 -36.17 13.01
N TYR D 60 -10.97 -36.67 12.81
CA TYR D 60 -9.80 -36.18 13.54
C TYR D 60 -8.63 -36.00 12.60
N ALA D 61 -7.80 -34.99 12.88
CA ALA D 61 -6.54 -34.81 12.17
C ALA D 61 -5.53 -35.88 12.58
N ASP D 62 -4.58 -36.17 11.70
CA ASP D 62 -3.56 -37.19 11.93
C ASP D 62 -2.60 -36.86 13.08
N SER D 63 -2.54 -35.59 13.46
CA SER D 63 -1.70 -35.16 14.58
C SER D 63 -2.33 -35.49 15.93
N VAL D 64 -3.67 -35.56 15.98
CA VAL D 64 -4.38 -35.79 17.25
C VAL D 64 -5.14 -37.12 17.30
N LYS D 65 -4.94 -37.96 16.28
CA LYS D 65 -5.63 -39.25 16.18
C LYS D 65 -5.23 -40.19 17.31
N GLY D 66 -6.22 -40.65 18.08
CA GLY D 66 -6.01 -41.58 19.18
C GLY D 66 -5.64 -40.94 20.51
N ARG D 67 -5.68 -39.61 20.57
CA ARG D 67 -5.40 -38.85 21.79
C ARG D 67 -6.59 -37.95 22.14
N PHE D 68 -7.16 -37.33 21.12
CA PHE D 68 -8.29 -36.40 21.28
C PHE D 68 -9.60 -37.09 20.94
N THR D 69 -10.66 -36.73 21.65
CA THR D 69 -11.99 -37.28 21.39
C THR D 69 -13.05 -36.17 21.43
N ILE D 70 -13.73 -35.96 20.31
CA ILE D 70 -14.81 -34.97 20.21
C ILE D 70 -16.17 -35.59 20.56
N SER D 71 -17.02 -34.82 21.21
CA SER D 71 -18.36 -35.29 21.59
C SER D 71 -19.28 -34.10 21.83
N ARG D 72 -20.58 -34.37 21.92
CA ARG D 72 -21.52 -33.29 22.12
C ARG D 72 -22.74 -33.73 22.93
N ASP D 73 -23.39 -32.74 23.54
CA ASP D 73 -24.61 -32.97 24.29
C ASP D 73 -25.68 -32.00 23.79
N ASN D 74 -26.50 -32.48 22.86
CA ASN D 74 -27.56 -31.65 22.27
C ASN D 74 -28.59 -31.17 23.29
N SER D 75 -28.82 -31.96 24.34
CA SER D 75 -29.76 -31.59 25.40
C SER D 75 -29.29 -30.38 26.23
N LYS D 76 -27.98 -30.19 26.33
CA LYS D 76 -27.41 -29.06 27.07
C LYS D 76 -26.81 -27.97 26.15
N ASN D 77 -26.75 -28.27 24.85
CA ASN D 77 -26.19 -27.34 23.85
C ASN D 77 -24.69 -27.12 24.06
N THR D 78 -23.96 -28.22 24.13
CA THR D 78 -22.55 -28.20 24.49
C THR D 78 -21.73 -29.16 23.63
N LEU D 79 -20.56 -28.67 23.21
CA LEU D 79 -19.58 -29.46 22.47
C LEU D 79 -18.38 -29.71 23.38
N TYR D 80 -17.68 -30.83 23.18
CA TYR D 80 -16.57 -31.20 24.05
C TYR D 80 -15.36 -31.61 23.27
N LEU D 81 -14.18 -31.32 23.80
CA LEU D 81 -12.97 -31.94 23.30
C LEU D 81 -12.18 -32.54 24.46
N GLN D 82 -12.03 -33.87 24.43
CA GLN D 82 -11.24 -34.57 25.42
C GLN D 82 -9.84 -34.77 24.88
N MET D 83 -8.88 -34.11 25.52
CA MET D 83 -7.49 -34.15 25.06
C MET D 83 -6.64 -34.92 26.05
N ASN D 84 -6.05 -36.02 25.58
CA ASN D 84 -5.19 -36.86 26.41
C ASN D 84 -3.77 -36.85 25.87
N SER D 85 -2.82 -37.26 26.70
CA SER D 85 -1.39 -37.35 26.32
C SER D 85 -0.88 -36.07 25.63
N LEU D 86 -1.22 -34.92 26.20
CA LEU D 86 -0.86 -33.63 25.62
C LEU D 86 0.64 -33.45 25.44
N ARG D 87 0.99 -32.75 24.38
CA ARG D 87 2.36 -32.53 24.00
C ARG D 87 2.52 -31.04 23.89
N ALA D 88 3.77 -30.57 23.92
CA ALA D 88 4.08 -29.16 23.77
C ALA D 88 3.47 -28.54 22.50
N GLU D 89 3.33 -29.36 21.45
CA GLU D 89 2.80 -28.88 20.15
C GLU D 89 1.29 -28.74 20.16
N ASP D 90 0.64 -29.22 21.21
CA ASP D 90 -0.80 -29.00 21.40
C ASP D 90 -1.09 -27.64 22.04
N THR D 91 -0.05 -26.88 22.41
CA THR D 91 -0.22 -25.52 22.94
C THR D 91 -0.83 -24.63 21.85
N ALA D 92 -1.98 -24.05 22.14
CA ALA D 92 -2.75 -23.31 21.14
C ALA D 92 -3.99 -22.71 21.76
N VAL D 93 -4.53 -21.69 21.09
CA VAL D 93 -5.88 -21.22 21.34
C VAL D 93 -6.77 -22.19 20.58
N TYR D 94 -7.75 -22.75 21.28
CA TYR D 94 -8.69 -23.70 20.69
C TYR D 94 -9.99 -22.99 20.44
N TYR D 95 -10.45 -23.01 19.18
CA TYR D 95 -11.69 -22.35 18.80
C TYR D 95 -12.79 -23.37 18.58
N CYS D 96 -13.96 -23.06 19.15
CA CYS D 96 -15.20 -23.77 18.84
C CYS D 96 -15.73 -23.17 17.54
N ALA D 97 -16.06 -24.03 16.58
CA ALA D 97 -16.46 -23.59 15.24
C ALA D 97 -17.75 -24.24 14.75
N LYS D 98 -18.74 -23.41 14.44
CA LYS D 98 -20.03 -23.85 13.90
C LYS D 98 -20.00 -23.96 12.37
N TYR D 99 -20.42 -25.10 11.83
CA TYR D 99 -20.60 -25.26 10.37
C TYR D 99 -21.84 -24.52 9.86
N ASP D 100 -21.87 -24.30 8.55
CA ASP D 100 -23.00 -23.65 7.88
C ASP D 100 -24.17 -24.62 7.75
N GLY D 104 -21.17 -26.38 5.11
CA GLY D 104 -19.90 -27.01 4.77
C GLY D 104 -18.69 -26.21 5.24
N GLU D 105 -18.86 -24.90 5.35
CA GLU D 105 -17.80 -24.02 5.82
C GLU D 105 -18.14 -23.42 7.19
N LEU D 106 -17.11 -22.99 7.92
CA LEU D 106 -17.30 -22.48 9.28
C LEU D 106 -17.72 -21.02 9.28
N ASP D 107 -18.98 -20.76 9.66
CA ASP D 107 -19.52 -19.40 9.59
C ASP D 107 -19.55 -18.64 10.91
N PHE D 108 -19.33 -19.32 12.03
CA PHE D 108 -19.17 -18.63 13.31
C PHE D 108 -18.15 -19.32 14.21
N TRP D 109 -17.33 -18.50 14.88
CA TRP D 109 -16.24 -18.95 15.73
C TRP D 109 -16.34 -18.28 17.10
N GLY D 110 -16.11 -19.06 18.16
CA GLY D 110 -16.04 -18.51 19.52
C GLY D 110 -14.74 -17.71 19.71
N GLN D 111 -14.60 -17.07 20.87
CA GLN D 111 -13.41 -16.27 21.18
C GLN D 111 -12.16 -17.13 21.42
N GLY D 112 -12.35 -18.42 21.65
CA GLY D 112 -11.24 -19.35 21.77
C GLY D 112 -10.77 -19.48 23.21
N THR D 113 -10.12 -20.60 23.52
CA THR D 113 -9.57 -20.83 24.87
C THR D 113 -8.13 -21.32 24.79
N LEU D 114 -7.25 -20.73 25.61
CA LEU D 114 -5.83 -21.04 25.54
C LEU D 114 -5.47 -22.29 26.34
N VAL D 115 -4.86 -23.25 25.66
CA VAL D 115 -4.27 -24.42 26.30
C VAL D 115 -2.73 -24.34 26.23
N THR D 116 -2.10 -24.39 27.39
CA THR D 116 -0.63 -24.33 27.49
C THR D 116 -0.12 -25.65 28.07
N VAL D 117 0.62 -26.39 27.27
CA VAL D 117 1.21 -27.65 27.70
C VAL D 117 2.66 -27.38 28.09
N SER D 118 2.93 -27.41 29.39
CA SER D 118 4.23 -27.02 29.94
C SER D 118 4.37 -27.56 31.36
N SER D 119 5.61 -27.85 31.75
CA SER D 119 5.92 -28.23 33.13
C SER D 119 6.25 -27.01 34.03
N ALA D 120 6.22 -25.80 33.48
CA ALA D 120 6.50 -24.59 34.26
C ALA D 120 5.37 -24.22 35.21
N SER D 121 5.74 -23.64 36.34
CA SER D 121 4.79 -23.25 37.37
C SER D 121 3.97 -22.02 37.01
N THR D 122 2.73 -22.01 37.48
CA THR D 122 1.91 -20.80 37.47
C THR D 122 2.58 -19.76 38.36
N LYS D 123 2.68 -18.53 37.86
CA LYS D 123 3.28 -17.43 38.61
C LYS D 123 2.59 -16.11 38.28
N GLY D 124 2.17 -15.40 39.33
CA GLY D 124 1.50 -14.13 39.20
C GLY D 124 2.49 -12.99 39.00
N PRO D 125 2.08 -11.96 38.24
CA PRO D 125 2.95 -10.83 37.93
C PRO D 125 3.07 -9.82 39.07
N SER D 126 4.18 -9.09 39.09
CA SER D 126 4.27 -7.83 39.83
C SER D 126 3.82 -6.73 38.87
N VAL D 127 3.21 -5.69 39.41
CA VAL D 127 2.72 -4.59 38.57
C VAL D 127 3.37 -3.30 39.06
N PHE D 128 4.19 -2.67 38.21
CA PHE D 128 4.91 -1.45 38.59
C PHE D 128 4.46 -0.27 37.74
N PRO D 129 4.35 0.93 38.35
CA PRO D 129 3.89 2.07 37.54
C PRO D 129 4.97 2.55 36.57
N LEU D 130 4.52 3.09 35.44
CA LEU D 130 5.39 3.83 34.53
C LEU D 130 4.89 5.28 34.62
N ALA D 131 5.54 6.04 35.49
CA ALA D 131 5.06 7.37 35.88
C ALA D 131 5.30 8.43 34.79
N PRO D 132 4.34 9.37 34.62
CA PRO D 132 4.56 10.52 33.74
C PRO D 132 5.50 11.55 34.39
N SER D 133 6.33 12.21 33.59
CA SER D 133 7.19 13.29 34.09
C SER D 133 7.56 14.30 33.01
N GLY D 140 2.24 19.19 25.75
CA GLY D 140 0.84 18.97 25.41
C GLY D 140 0.28 17.62 25.84
N THR D 141 0.93 16.55 25.40
CA THR D 141 0.51 15.18 25.73
C THR D 141 1.62 14.39 26.42
N ALA D 142 1.27 13.74 27.53
CA ALA D 142 2.21 12.93 28.31
C ALA D 142 1.85 11.43 28.27
N ALA D 143 2.87 10.58 28.38
CA ALA D 143 2.68 9.13 28.42
C ALA D 143 2.85 8.56 29.82
N LEU D 144 2.02 7.58 30.14
CA LEU D 144 2.10 6.85 31.40
C LEU D 144 1.69 5.41 31.14
N GLY D 145 1.91 4.53 32.12
CA GLY D 145 1.55 3.13 31.93
C GLY D 145 1.78 2.23 33.12
N CYS D 146 1.70 0.93 32.86
CA CYS D 146 2.00 -0.10 33.85
C CYS D 146 2.85 -1.19 33.23
N LEU D 147 3.87 -1.60 33.96
CA LEU D 147 4.71 -2.71 33.59
C LEU D 147 4.23 -3.93 34.37
N VAL D 148 3.80 -4.96 33.64
CA VAL D 148 3.28 -6.18 34.24
C VAL D 148 4.37 -7.23 34.04
N LYS D 149 5.13 -7.51 35.10
CA LYS D 149 6.37 -8.23 34.94
C LYS D 149 6.35 -9.59 35.63
N ASP D 150 6.95 -10.58 34.94
CA ASP D 150 7.28 -11.89 35.52
C ASP D 150 6.11 -12.80 35.85
N TYR D 151 5.34 -13.16 34.83
CA TYR D 151 4.21 -14.07 35.02
C TYR D 151 4.27 -15.27 34.09
N PHE D 152 3.54 -16.31 34.47
CA PHE D 152 3.35 -17.49 33.63
C PHE D 152 2.06 -18.19 34.08
N PRO D 153 1.27 -18.73 33.12
CA PRO D 153 1.40 -18.63 31.67
C PRO D 153 0.67 -17.37 31.18
N GLU D 154 0.54 -17.25 29.86
CA GLU D 154 -0.36 -16.25 29.28
C GLU D 154 -1.80 -16.68 29.58
N PRO D 155 -2.77 -15.76 29.47
CA PRO D 155 -2.67 -14.32 29.19
C PRO D 155 -2.89 -13.41 30.41
N VAL D 156 -2.54 -12.14 30.26
CA VAL D 156 -2.99 -11.11 31.19
C VAL D 156 -3.86 -10.13 30.42
N THR D 157 -4.83 -9.54 31.12
CA THR D 157 -5.61 -8.45 30.56
C THR D 157 -5.28 -7.18 31.33
N VAL D 158 -5.32 -6.04 30.63
CA VAL D 158 -5.17 -4.74 31.26
C VAL D 158 -6.29 -3.83 30.73
N SER D 159 -6.98 -3.15 31.64
CA SER D 159 -7.90 -2.07 31.28
C SER D 159 -7.48 -0.83 32.05
N TRP D 160 -8.02 0.33 31.68
CA TRP D 160 -7.67 1.58 32.36
C TRP D 160 -8.92 2.22 32.95
N ASN D 161 -8.83 2.67 34.19
CA ASN D 161 -9.96 3.27 34.91
C ASN D 161 -11.24 2.43 34.78
N SER D 162 -11.11 1.13 35.05
CA SER D 162 -12.18 0.13 34.91
C SER D 162 -12.88 0.11 33.54
N GLY D 163 -12.14 0.50 32.49
CA GLY D 163 -12.68 0.48 31.13
C GLY D 163 -13.15 1.83 30.63
N ALA D 164 -13.17 2.82 31.53
CA ALA D 164 -13.61 4.18 31.20
C ALA D 164 -12.61 4.91 30.29
N LEU D 165 -11.35 4.50 30.34
CA LEU D 165 -10.31 5.05 29.47
C LEU D 165 -9.83 4.02 28.45
N THR D 166 -10.13 4.28 27.18
CA THR D 166 -9.78 3.37 26.08
C THR D 166 -8.96 4.06 24.97
N SER D 167 -9.13 5.37 24.85
CA SER D 167 -8.50 6.14 23.77
C SER D 167 -7.01 6.39 24.05
N GLY D 168 -6.17 6.09 23.07
CA GLY D 168 -4.72 6.25 23.22
C GLY D 168 -4.02 5.16 24.02
N VAL D 169 -4.79 4.15 24.45
CA VAL D 169 -4.22 2.98 25.14
C VAL D 169 -3.51 2.06 24.15
N HIS D 170 -2.27 1.69 24.50
CA HIS D 170 -1.55 0.64 23.78
C HIS D 170 -1.10 -0.41 24.80
N THR D 171 -1.65 -1.61 24.68
CA THR D 171 -1.24 -2.74 25.53
C THR D 171 -0.40 -3.65 24.65
N PHE D 172 0.91 -3.65 24.91
CA PHE D 172 1.83 -4.35 24.05
C PHE D 172 1.68 -5.85 24.18
N PRO D 173 1.97 -6.60 23.10
CA PRO D 173 2.12 -8.04 23.22
C PRO D 173 3.14 -8.38 24.30
N ALA D 174 2.89 -9.47 25.02
CA ALA D 174 3.81 -9.98 26.01
C ALA D 174 5.08 -10.44 25.32
N VAL D 175 6.21 -10.30 26.00
CA VAL D 175 7.47 -10.85 25.52
C VAL D 175 7.93 -11.92 26.51
N LEU D 176 8.46 -13.00 25.97
CA LEU D 176 9.06 -14.04 26.79
C LEU D 176 10.48 -13.58 27.14
N GLN D 177 10.77 -13.46 28.44
CA GLN D 177 12.08 -12.97 28.88
C GLN D 177 13.11 -14.10 28.96
N SER D 178 14.38 -13.76 29.20
CA SER D 178 15.42 -14.79 29.33
C SER D 178 15.12 -15.80 30.45
N SER D 179 14.49 -15.33 31.52
CA SER D 179 14.01 -16.16 32.63
C SER D 179 12.95 -17.19 32.24
N GLY D 180 12.27 -16.98 31.11
CA GLY D 180 11.17 -17.86 30.71
C GLY D 180 9.82 -17.38 31.25
N LEU D 181 9.84 -16.22 31.88
CA LEU D 181 8.61 -15.58 32.35
C LEU D 181 8.23 -14.46 31.40
N TYR D 182 6.93 -14.18 31.28
CA TYR D 182 6.43 -13.13 30.41
C TYR D 182 6.47 -11.79 31.10
N SER D 183 6.54 -10.74 30.29
CA SER D 183 6.40 -9.38 30.74
C SER D 183 5.69 -8.59 29.63
N LEU D 184 4.84 -7.67 30.03
CA LEU D 184 4.29 -6.71 29.09
C LEU D 184 4.12 -5.36 29.77
N SER D 185 4.10 -4.31 28.96
CA SER D 185 3.72 -2.98 29.40
C SER D 185 2.39 -2.58 28.77
N SER D 186 1.61 -1.78 29.49
CA SER D 186 0.44 -1.15 28.92
C SER D 186 0.65 0.33 29.12
N VAL D 187 0.51 1.10 28.04
CA VAL D 187 0.69 2.55 28.12
C VAL D 187 -0.53 3.31 27.61
N VAL D 188 -0.69 4.54 28.06
CA VAL D 188 -1.71 5.44 27.51
C VAL D 188 -1.12 6.85 27.37
N THR D 189 -1.37 7.49 26.22
CA THR D 189 -1.03 8.90 26.06
C THR D 189 -2.23 9.75 26.40
N VAL D 190 -1.99 10.82 27.16
CA VAL D 190 -3.06 11.60 27.76
C VAL D 190 -2.64 13.08 27.86
N PRO D 191 -3.62 14.02 27.84
CA PRO D 191 -3.25 15.42 28.05
C PRO D 191 -2.48 15.64 29.37
N SER D 192 -1.32 16.28 29.28
CA SER D 192 -0.49 16.59 30.46
C SER D 192 -1.15 17.59 31.41
N SER D 193 -2.13 18.33 30.89
CA SER D 193 -2.95 19.25 31.69
C SER D 193 -3.95 18.51 32.59
N SER D 194 -4.22 17.24 32.28
CA SER D 194 -5.14 16.41 33.08
C SER D 194 -4.47 15.65 34.23
N LEU D 195 -3.16 15.82 34.36
CA LEU D 195 -2.34 15.11 35.35
C LEU D 195 -2.62 15.50 36.80
N GLY D 196 -3.18 16.70 37.00
CA GLY D 196 -3.54 17.17 38.33
C GLY D 196 -4.94 16.78 38.75
N THR D 197 -5.82 16.64 37.76
CA THR D 197 -7.25 16.35 37.99
C THR D 197 -7.53 14.84 37.95
N GLN D 198 -7.30 14.23 36.78
CA GLN D 198 -7.71 12.85 36.53
C GLN D 198 -6.76 11.82 37.16
N THR D 199 -7.35 10.86 37.87
CA THR D 199 -6.60 9.72 38.41
C THR D 199 -6.56 8.60 37.36
N TYR D 200 -5.38 8.04 37.17
CA TYR D 200 -5.20 6.94 36.22
C TYR D 200 -4.82 5.65 36.96
N ILE D 201 -5.64 4.62 36.76
CA ILE D 201 -5.44 3.32 37.40
C ILE D 201 -5.48 2.22 36.33
N CYS D 202 -4.43 1.39 36.31
CA CYS D 202 -4.42 0.22 35.43
C CYS D 202 -5.00 -0.97 36.20
N ASN D 203 -5.95 -1.65 35.57
CA ASN D 203 -6.58 -2.82 36.17
C ASN D 203 -6.02 -4.05 35.49
N VAL D 204 -5.16 -4.76 36.23
CA VAL D 204 -4.48 -5.95 35.71
C VAL D 204 -5.16 -7.20 36.26
N ASN D 205 -5.40 -8.17 35.38
CA ASN D 205 -5.93 -9.47 35.77
C ASN D 205 -5.13 -10.58 35.11
N HIS D 206 -4.47 -11.39 35.93
CA HIS D 206 -3.83 -12.59 35.46
C HIS D 206 -4.62 -13.75 36.05
N LYS D 207 -5.65 -14.15 35.31
CA LYS D 207 -6.57 -15.20 35.77
C LYS D 207 -5.89 -16.55 36.08
N PRO D 208 -4.91 -16.98 35.27
CA PRO D 208 -4.27 -18.26 35.60
C PRO D 208 -3.72 -18.37 37.03
N SER D 209 -3.29 -17.26 37.63
CA SER D 209 -2.71 -17.28 38.98
C SER D 209 -3.63 -16.61 40.00
N ASN D 210 -4.85 -16.26 39.61
CA ASN D 210 -5.76 -15.56 40.52
C ASN D 210 -5.21 -14.20 40.98
N THR D 211 -4.44 -13.52 40.13
CA THR D 211 -3.84 -12.23 40.48
C THR D 211 -4.59 -11.06 39.84
N LYS D 212 -5.29 -10.28 40.67
CA LYS D 212 -5.92 -9.03 40.23
C LYS D 212 -5.25 -7.87 40.95
N VAL D 213 -4.83 -6.87 40.19
CA VAL D 213 -4.15 -5.71 40.74
C VAL D 213 -4.74 -4.45 40.11
N ASP D 214 -5.06 -3.47 40.94
CA ASP D 214 -5.37 -2.12 40.49
C ASP D 214 -4.24 -1.21 40.95
N LYS D 215 -3.56 -0.58 40.01
CA LYS D 215 -2.38 0.23 40.32
C LYS D 215 -2.57 1.68 39.86
N LYS D 216 -2.58 2.60 40.83
CA LYS D 216 -2.63 4.05 40.58
C LYS D 216 -1.28 4.53 40.06
N VAL D 217 -1.29 5.14 38.88
CA VAL D 217 -0.08 5.68 38.28
C VAL D 217 -0.05 7.19 38.52
N GLU D 218 0.93 7.64 39.30
CA GLU D 218 1.02 9.04 39.73
C GLU D 218 2.31 9.75 39.29
N PRO D 219 2.21 11.05 38.95
CA PRO D 219 3.34 11.92 38.59
C PRO D 219 4.54 11.84 39.55
S SO4 E . 4.59 5.37 -5.44
O1 SO4 E . 3.17 5.71 -5.56
O2 SO4 E . 5.34 6.08 -6.47
O3 SO4 E . 5.07 5.76 -4.12
O4 SO4 E . 4.78 3.93 -5.64
S SO4 F . -14.89 -6.86 12.55
O1 SO4 F . -14.30 -6.52 11.25
O2 SO4 F . -14.55 -5.82 13.52
O3 SO4 F . -16.34 -6.96 12.39
O4 SO4 F . -14.35 -8.14 13.00
S SO4 G . 9.81 -23.61 36.31
O1 SO4 G . 9.96 -23.05 34.97
O2 SO4 G . 10.99 -23.26 37.10
O3 SO4 G . 8.60 -23.04 36.93
O4 SO4 G . 9.69 -25.08 36.20
#